data_3VDD
#
_entry.id   3VDD
#
_cell.length_a   310.490
_cell.length_b   345.680
_cell.length_c   378.390
_cell.angle_alpha   90.000
_cell.angle_beta   90.000
_cell.angle_gamma   90.000
#
_symmetry.space_group_name_H-M   'P 21 2 21'
#
loop_
_entity.id
_entity.type
_entity.pdbx_description
1 polymer 'Protein VP1'
2 polymer 'Protein VP2'
3 polymer 'Protein VP3'
4 polymer 'Protein VP4'
5 non-polymer 3-ethoxy-6-{2-[1-(6-methylpyridazin-3-yl)piperidin-4-yl]ethoxy}-1,2-benzoxazole
6 water water
#
loop_
_entity_poly.entity_id
_entity_poly.type
_entity_poly.pdbx_seq_one_letter_code
_entity_poly.pdbx_strand_id
1 'polypeptide(L)'
;NPVENYIDEVLNEVLVVPNINSSNPTTSNSAPALDAAETGHTSSVQPEDVIETRYVQTSQTRDEMSLESFLGRSGCIHES
KLEVTLANYNKENFTVWAINLQEMAQIRRKFELFTYTRFDSEITLVPCISALSQDIGHITMQYMYVPPGAPVPNSRDDYA
WQSGTNASVFWQHGQAYPRFSLPFLSVASAYYMFYDGYDEQDQNYGTANTNNMGSLCSRIVTEKHIHKVHIMTRIYHKAK
HVKAWCPRPPRALEYTRAHRTNFKIEDRSIQTAIVTRPIITTA
;
A
2 'polypeptide(L)'
;SPTVEACGYSDRIIQITRGDSTITSQDVANAIVAYGVWPHYLSSKDASAIDKPSQPDTSSNRFYTLRSVTWSSSSKGWWW
KLPDALKDMGIFGENMFYHYLGRSGYTIHVQCNASKFHQGTLIVALIPEHQIASALHGNVNVGYNYTHPGETGREVKAET
RLNPDLQPTEEYWLNFDGTLLGNITIFPHQFINLRSNNSATIIAPYVNAVPMDSMRSHNNWSLVIIPICPLETSSAINTI
PITISISPMCAEFSGARAKRQ
;
B
3 'polypeptide(L)'
;GLPVFITPGSGQFLTTDDFQSPCALPWYHPTKEISIPGEVKNLVEICQVDSLVPINNTDTYINSENMYSVVLQSSINAPD
KIFSIRTDVASQPLATTLIGEISSYFTHWTGSLRFSFMFCGTANTTVKLLLAYTPPGIAEPTTRKDAMLGTHVIWDVGLQ
STISMVVPWISASHYRNTSPGRSTSGYITCWYQTRLVIPPQTPPTARLLCFVSGCKDFCLRMARDTNLHLQSGAIAQ
;
C
4 'polypeptide(L)' MGAQVSRQNVGTHSTQNSVSNGSSLNYFNINYFKDAASNGASKLEFTQDPSKFTDPVKDVLEKGIPTLQ D
#
# COMPACT_ATOMS: atom_id res chain seq x y z
N GLU A 4 1.31 18.12 -31.18
CA GLU A 4 1.66 18.90 -29.96
C GLU A 4 1.92 18.06 -28.67
N ASN A 5 1.52 16.78 -28.68
CA ASN A 5 2.07 15.73 -27.76
C ASN A 5 3.19 14.71 -28.33
N TYR A 6 3.73 14.89 -29.57
CA TYR A 6 5.00 14.23 -30.03
C TYR A 6 6.13 15.08 -29.43
N ILE A 7 5.93 16.42 -29.43
CA ILE A 7 6.89 17.41 -28.88
C ILE A 7 6.97 17.49 -27.36
N ASP A 8 5.86 17.92 -26.71
CA ASP A 8 5.74 18.08 -25.23
C ASP A 8 6.19 16.84 -24.38
N GLU A 9 6.13 15.63 -24.93
CA GLU A 9 6.76 14.48 -24.26
C GLU A 9 8.15 14.07 -24.75
N VAL A 10 8.65 14.62 -25.88
CA VAL A 10 10.05 14.38 -26.24
C VAL A 10 10.98 15.07 -25.14
N LEU A 11 10.68 16.31 -24.66
CA LEU A 11 11.50 16.87 -23.53
C LEU A 11 10.95 16.52 -22.16
N ASN A 12 9.93 15.66 -22.18
CA ASN A 12 9.29 15.01 -21.00
C ASN A 12 8.51 15.91 -20.00
N GLU A 13 7.78 16.90 -20.58
CA GLU A 13 6.96 17.96 -19.90
C GLU A 13 5.36 17.89 -19.76
N VAL A 14 4.65 16.86 -20.21
CA VAL A 14 3.19 16.76 -19.89
C VAL A 14 3.13 16.33 -18.40
N LEU A 15 2.08 16.67 -17.65
CA LEU A 15 2.07 16.48 -16.16
C LEU A 15 2.94 17.37 -15.21
N VAL A 16 2.53 18.61 -15.02
CA VAL A 16 3.36 19.59 -14.36
C VAL A 16 3.00 19.94 -12.94
N VAL A 17 4.06 20.36 -12.26
CA VAL A 17 4.05 20.81 -10.90
C VAL A 17 3.78 22.29 -10.87
N PRO A 18 2.85 22.68 -9.98
CA PRO A 18 2.31 24.01 -9.70
C PRO A 18 3.38 24.97 -9.36
N ASN A 19 3.17 26.24 -9.56
CA ASN A 19 4.15 27.22 -9.11
C ASN A 19 3.94 27.60 -7.64
N ILE A 20 5.00 28.08 -6.97
CA ILE A 20 4.85 28.71 -5.66
C ILE A 20 4.59 30.20 -5.87
N ASN A 21 3.46 30.71 -5.35
CA ASN A 21 3.10 32.12 -5.39
C ASN A 21 3.67 32.95 -4.27
N SER A 22 3.75 34.25 -4.49
CA SER A 22 4.21 35.13 -3.43
C SER A 22 3.17 35.17 -2.35
N SER A 23 3.60 35.48 -1.16
CA SER A 23 2.73 35.45 -0.04
C SER A 23 3.09 36.65 0.81
N ASN A 24 2.14 37.03 1.67
CA ASN A 24 2.21 38.29 2.45
C ASN A 24 1.90 38.11 3.94
N PRO A 25 2.36 39.07 4.78
CA PRO A 25 1.97 38.93 6.18
C PRO A 25 0.44 38.86 6.37
N THR A 26 0.02 37.79 7.04
CA THR A 26 -1.38 37.44 7.32
C THR A 26 -1.71 37.86 8.75
N THR A 27 -2.83 38.53 8.96
CA THR A 27 -3.35 38.61 10.30
C THR A 27 -4.86 38.39 10.22
N SER A 28 -5.38 37.28 10.75
CA SER A 28 -6.82 36.93 10.53
C SER A 28 -7.37 35.81 11.42
N ASN A 29 -8.68 35.54 11.30
CA ASN A 29 -9.40 34.53 12.11
C ASN A 29 -9.39 33.22 11.35
N SER A 30 -8.81 33.28 10.16
CA SER A 30 -8.71 32.15 9.29
C SER A 30 -7.39 31.44 9.66
N ALA A 31 -7.51 30.23 10.22
CA ALA A 31 -6.33 29.46 10.62
C ALA A 31 -6.26 28.19 9.78
N PRO A 32 -5.63 28.31 8.56
CA PRO A 32 -5.42 27.17 7.67
C PRO A 32 -4.44 26.16 8.24
N ALA A 33 -3.52 26.59 9.11
CA ALA A 33 -2.56 25.65 9.72
C ALA A 33 -3.26 24.69 10.71
N LEU A 34 -4.39 25.18 11.25
CA LEU A 34 -5.24 24.46 12.19
C LEU A 34 -6.32 23.66 11.50
N ASP A 35 -6.21 22.34 11.61
CA ASP A 35 -7.24 21.40 11.14
C ASP A 35 -7.39 20.28 12.17
N ALA A 36 -8.15 19.25 11.83
CA ALA A 36 -8.23 18.03 12.64
C ALA A 36 -7.90 16.81 11.75
N ALA A 37 -6.82 16.11 12.06
CA ALA A 37 -6.38 14.98 11.26
C ALA A 37 -7.22 13.77 11.62
N GLU A 38 -8.05 13.93 12.65
CA GLU A 38 -9.03 12.93 13.06
C GLU A 38 -10.03 12.60 11.91
N THR A 39 -10.27 13.59 11.05
CA THR A 39 -11.20 13.44 9.95
C THR A 39 -10.77 12.33 8.97
N GLY A 40 -9.46 12.07 8.89
CA GLY A 40 -8.98 11.05 7.99
C GLY A 40 -8.50 11.75 6.73
N HIS A 41 -8.62 13.06 6.78
CA HIS A 41 -8.23 13.93 5.69
C HIS A 41 -6.81 14.47 5.95
N THR A 42 -5.98 14.45 4.91
CA THR A 42 -4.66 15.08 4.94
C THR A 42 -4.78 16.60 4.83
N SER A 43 -3.91 17.35 5.53
CA SER A 43 -4.05 18.80 5.58
C SER A 43 -3.90 19.46 4.23
N SER A 44 -4.50 20.63 4.12
CA SER A 44 -4.58 21.37 2.88
C SER A 44 -3.54 22.47 2.79
N VAL A 45 -2.75 22.62 3.85
CA VAL A 45 -1.86 23.77 3.98
C VAL A 45 -0.82 23.73 2.92
N GLN A 46 -0.47 24.89 2.39
CA GLN A 46 0.60 25.00 1.40
C GLN A 46 1.65 26.05 1.84
N PRO A 47 2.88 26.02 1.27
CA PRO A 47 3.95 26.83 1.82
C PRO A 47 3.50 28.24 2.02
N GLU A 48 2.79 28.76 1.03
CA GLU A 48 2.42 30.16 1.03
C GLU A 48 1.48 30.47 2.18
N ASP A 49 0.81 29.47 2.78
CA ASP A 49 -0.16 29.71 3.88
C ASP A 49 0.46 30.05 5.25
N VAL A 50 1.54 29.36 5.56
CA VAL A 50 2.24 29.58 6.81
C VAL A 50 3.54 30.38 6.76
N ILE A 51 3.98 30.82 5.59
CA ILE A 51 5.23 31.61 5.52
C ILE A 51 5.23 32.57 4.33
N GLU A 52 5.97 33.64 4.47
CA GLU A 52 5.98 34.62 3.41
C GLU A 52 6.92 34.09 2.34
N THR A 53 6.34 33.78 1.16
CA THR A 53 7.03 33.06 0.09
C THR A 53 7.24 33.98 -1.08
N ARG A 54 8.19 33.66 -1.93
CA ARG A 54 8.40 34.42 -3.14
C ARG A 54 7.74 33.67 -4.29
N TYR A 55 7.71 34.30 -5.47
CA TYR A 55 7.17 33.68 -6.68
C TYR A 55 8.27 32.87 -7.31
N VAL A 56 7.99 31.59 -7.52
CA VAL A 56 8.95 30.75 -8.23
C VAL A 56 8.28 29.84 -9.28
N GLN A 57 8.79 29.89 -10.51
CA GLN A 57 8.18 29.19 -11.62
C GLN A 57 8.72 27.79 -11.80
N THR A 58 7.89 26.82 -11.47
CA THR A 58 8.35 25.49 -11.30
C THR A 58 8.19 24.68 -12.54
N SER A 59 9.38 24.21 -12.93
CA SER A 59 9.68 23.59 -14.21
C SER A 59 9.71 22.07 -14.13
N GLN A 60 9.62 21.58 -12.89
CA GLN A 60 9.72 20.16 -12.51
C GLN A 60 8.60 19.28 -13.14
N THR A 61 8.79 17.97 -13.23
CA THR A 61 7.78 17.10 -13.88
C THR A 61 7.51 15.72 -13.28
N ARG A 62 6.22 15.41 -13.22
CA ARG A 62 5.81 14.17 -12.60
C ARG A 62 5.77 12.99 -13.53
N ASP A 63 6.23 13.17 -14.77
CA ASP A 63 6.15 12.10 -15.73
C ASP A 63 6.75 10.83 -15.23
N GLU A 64 7.93 10.95 -14.67
CA GLU A 64 8.69 9.80 -14.22
C GLU A 64 8.01 9.13 -13.07
N MET A 65 7.18 9.84 -12.33
CA MET A 65 6.49 9.26 -11.20
C MET A 65 5.22 8.55 -11.54
N SER A 66 4.88 8.45 -12.83
CA SER A 66 3.61 7.84 -13.28
C SER A 66 3.65 6.35 -13.08
N LEU A 67 2.47 5.73 -12.99
CA LEU A 67 2.41 4.29 -12.79
C LEU A 67 3.09 3.64 -13.95
N GLU A 68 3.06 4.27 -15.11
CA GLU A 68 3.63 3.60 -16.25
C GLU A 68 5.11 3.61 -16.19
N SER A 69 5.68 4.67 -15.64
CA SER A 69 7.14 4.73 -15.54
C SER A 69 7.70 3.77 -14.51
N PHE A 70 6.97 3.65 -13.42
CA PHE A 70 7.40 2.89 -12.27
C PHE A 70 7.32 1.37 -12.48
N LEU A 71 6.27 0.86 -13.09
CA LEU A 71 6.15 -0.57 -13.29
C LEU A 71 6.76 -1.01 -14.62
N GLY A 72 7.08 -0.03 -15.44
CA GLY A 72 7.44 -0.24 -16.81
C GLY A 72 8.92 -0.50 -17.01
N ARG A 73 9.56 -1.03 -16.00
CA ARG A 73 10.95 -1.45 -16.12
C ARG A 73 11.01 -2.97 -15.81
N SER A 74 11.77 -3.76 -16.59
CA SER A 74 11.76 -5.20 -16.38
C SER A 74 12.73 -5.51 -15.29
N GLY A 75 12.43 -6.56 -14.54
CA GLY A 75 13.27 -7.08 -13.48
C GLY A 75 13.07 -8.57 -13.38
N CYS A 76 13.96 -9.30 -12.70
CA CYS A 76 13.90 -10.76 -12.69
C CYS A 76 12.80 -11.36 -11.82
N ILE A 77 11.89 -12.15 -12.40
CA ILE A 77 10.90 -12.82 -11.59
C ILE A 77 11.13 -14.30 -11.31
N HIS A 78 12.03 -14.93 -12.05
CA HIS A 78 12.34 -16.35 -11.84
C HIS A 78 13.70 -16.67 -12.39
N GLU A 79 14.39 -17.60 -11.74
CA GLU A 79 15.61 -18.18 -12.32
C GLU A 79 15.52 -19.70 -12.50
N SER A 80 15.46 -20.22 -13.73
CA SER A 80 15.33 -21.69 -13.88
C SER A 80 16.64 -22.25 -14.34
N LYS A 81 17.21 -23.13 -13.51
CA LYS A 81 18.43 -23.90 -13.83
C LYS A 81 18.07 -25.28 -14.37
N LEU A 82 18.63 -25.61 -15.54
CA LEU A 82 18.46 -26.93 -16.12
C LEU A 82 19.77 -27.67 -16.08
N GLU A 83 19.91 -28.65 -15.19
CA GLU A 83 21.12 -29.42 -15.16
C GLU A 83 20.89 -30.58 -16.11
N VAL A 84 21.69 -30.65 -17.18
CA VAL A 84 21.48 -31.66 -18.17
C VAL A 84 22.34 -32.91 -17.87
N THR A 85 21.67 -34.05 -17.73
CA THR A 85 22.23 -35.36 -17.39
C THR A 85 22.28 -36.15 -18.63
N LEU A 86 23.20 -37.08 -18.75
CA LEU A 86 22.93 -38.05 -19.76
C LEU A 86 22.67 -39.40 -19.09
N ALA A 87 21.44 -39.66 -18.66
CA ALA A 87 21.02 -40.99 -18.27
C ALA A 87 19.85 -41.21 -19.19
N ASN A 88 20.17 -41.72 -20.37
CA ASN A 88 19.21 -41.66 -21.48
C ASN A 88 18.26 -40.45 -21.46
N TYR A 89 18.78 -39.32 -20.97
CA TYR A 89 18.71 -37.99 -21.56
C TYR A 89 17.31 -37.51 -21.81
N ASN A 90 16.40 -38.46 -21.94
CA ASN A 90 15.00 -38.24 -22.25
C ASN A 90 14.07 -38.38 -21.08
N LYS A 91 14.59 -38.82 -19.95
CA LYS A 91 13.71 -39.06 -18.84
C LYS A 91 13.62 -37.78 -18.07
N GLU A 92 14.51 -36.85 -18.37
CA GLU A 92 14.72 -35.66 -17.56
C GLU A 92 15.13 -34.50 -18.40
N ASN A 93 15.78 -33.51 -17.81
CA ASN A 93 16.15 -32.33 -18.57
C ASN A 93 14.95 -31.51 -19.05
N PHE A 94 14.08 -31.15 -18.10
CA PHE A 94 13.12 -30.09 -18.33
C PHE A 94 12.81 -29.28 -17.05
N THR A 95 12.66 -27.95 -17.18
CA THR A 95 12.11 -27.06 -16.15
C THR A 95 10.60 -27.19 -16.09
N VAL A 96 10.03 -26.99 -14.92
CA VAL A 96 8.66 -26.57 -14.81
C VAL A 96 8.56 -25.52 -13.71
N TRP A 97 7.90 -24.42 -14.04
CA TRP A 97 7.66 -23.34 -13.09
C TRP A 97 6.23 -22.81 -13.08
N ALA A 98 5.60 -22.82 -11.93
CA ALA A 98 4.31 -22.21 -11.74
C ALA A 98 4.50 -20.72 -11.67
N ILE A 99 3.70 -19.96 -12.44
CA ILE A 99 4.00 -18.56 -12.76
C ILE A 99 3.47 -17.54 -11.74
N ASN A 100 4.38 -16.78 -11.11
CA ASN A 100 4.12 -15.84 -10.01
C ASN A 100 4.96 -14.67 -10.18
N LEU A 101 4.44 -13.54 -9.79
CA LEU A 101 5.30 -12.41 -9.58
C LEU A 101 5.85 -12.49 -8.16
N GLN A 102 5.61 -13.60 -7.51
CA GLN A 102 5.89 -13.61 -6.11
C GLN A 102 7.18 -14.20 -5.57
N GLU A 103 8.04 -14.69 -6.44
CA GLU A 103 9.23 -15.35 -5.92
C GLU A 103 10.50 -14.52 -5.88
N MET A 104 10.48 -13.29 -6.36
CA MET A 104 11.65 -12.45 -6.28
C MET A 104 11.25 -11.14 -5.69
N ALA A 105 11.95 -10.70 -4.66
CA ALA A 105 11.46 -9.60 -3.84
C ALA A 105 11.39 -8.25 -4.50
N GLN A 106 12.38 -7.90 -5.30
CA GLN A 106 12.40 -6.54 -5.80
C GLN A 106 11.13 -6.12 -6.59
N ILE A 107 10.73 -6.83 -7.65
CA ILE A 107 9.50 -6.45 -8.36
C ILE A 107 8.29 -6.77 -7.49
N ARG A 108 8.28 -7.88 -6.79
CA ARG A 108 7.16 -8.15 -5.89
C ARG A 108 6.82 -6.98 -4.96
N ARG A 109 7.81 -6.37 -4.32
CA ARG A 109 7.51 -5.25 -3.45
C ARG A 109 6.79 -4.12 -4.21
N LYS A 110 7.19 -3.87 -5.45
CA LYS A 110 6.66 -2.74 -6.18
C LYS A 110 5.21 -2.88 -6.51
N PHE A 111 4.83 -4.00 -7.10
CA PHE A 111 3.44 -4.21 -7.45
C PHE A 111 2.58 -4.38 -6.18
N GLU A 112 3.19 -4.72 -5.06
CA GLU A 112 2.44 -5.00 -3.84
C GLU A 112 2.21 -3.69 -3.12
N LEU A 113 2.55 -2.62 -3.84
CA LEU A 113 2.21 -1.26 -3.43
C LEU A 113 0.75 -0.98 -3.67
N PHE A 114 0.09 -1.85 -4.42
CA PHE A 114 -1.30 -1.65 -4.80
C PHE A 114 -2.11 -2.91 -4.56
N THR A 115 -3.42 -2.78 -4.41
CA THR A 115 -4.24 -3.93 -4.07
C THR A 115 -4.56 -4.66 -5.31
N TYR A 116 -4.87 -3.92 -6.35
CA TYR A 116 -5.22 -4.56 -7.62
C TYR A 116 -4.42 -3.93 -8.70
N THR A 117 -4.01 -4.72 -9.68
CA THR A 117 -3.24 -4.15 -10.78
C THR A 117 -3.66 -4.76 -12.11
N ARG A 118 -3.49 -3.99 -13.18
CA ARG A 118 -3.86 -4.47 -14.48
C ARG A 118 -2.91 -3.94 -15.52
N PHE A 119 -2.51 -4.85 -16.37
CA PHE A 119 -1.49 -4.53 -17.38
C PHE A 119 -1.12 -5.71 -18.33
N ASP A 120 -0.60 -5.34 -19.48
CA ASP A 120 -0.02 -6.29 -20.41
C ASP A 120 1.39 -6.53 -19.93
N SER A 121 2.02 -7.65 -20.30
CA SER A 121 3.38 -8.02 -19.83
C SER A 121 4.38 -8.22 -20.96
N GLU A 122 5.61 -7.75 -20.79
CA GLU A 122 6.72 -8.07 -21.70
C GLU A 122 7.72 -8.95 -21.01
N ILE A 123 7.74 -10.22 -21.40
CA ILE A 123 8.69 -11.18 -20.89
C ILE A 123 9.95 -11.18 -21.75
N THR A 124 11.11 -11.07 -21.10
CA THR A 124 12.41 -11.06 -21.78
C THR A 124 13.30 -12.15 -21.19
N LEU A 125 13.96 -12.95 -22.02
CA LEU A 125 14.75 -14.11 -21.50
C LEU A 125 16.27 -13.94 -21.58
N VAL A 126 16.99 -14.33 -20.54
CA VAL A 126 18.45 -14.25 -20.58
C VAL A 126 19.00 -15.60 -20.23
N PRO A 127 19.12 -16.48 -21.21
CA PRO A 127 19.75 -17.79 -21.09
C PRO A 127 21.27 -17.73 -21.16
N CYS A 128 21.92 -18.53 -20.29
CA CYS A 128 23.37 -18.65 -20.24
C CYS A 128 23.78 -20.08 -19.99
N ILE A 129 24.67 -20.57 -20.85
CA ILE A 129 25.20 -21.91 -20.77
C ILE A 129 26.51 -21.97 -20.00
N SER A 130 26.46 -22.60 -18.84
CA SER A 130 27.67 -22.85 -18.10
C SER A 130 28.25 -24.15 -18.63
N ALA A 131 29.43 -24.06 -19.22
CA ALA A 131 30.11 -25.23 -19.84
C ALA A 131 30.86 -26.06 -18.83
N LEU A 132 30.45 -27.30 -18.62
CA LEU A 132 31.15 -28.20 -17.72
C LEU A 132 32.04 -29.23 -18.41
N SER A 133 32.02 -29.28 -19.74
CA SER A 133 32.91 -30.15 -20.46
C SER A 133 33.97 -29.32 -21.17
N GLN A 134 34.87 -29.98 -21.88
CA GLN A 134 35.92 -29.30 -22.63
C GLN A 134 35.30 -28.24 -23.59
N ASP A 135 34.04 -28.48 -23.97
CA ASP A 135 33.32 -27.66 -24.95
C ASP A 135 31.77 -27.54 -24.71
N ILE A 136 31.07 -27.03 -25.72
CA ILE A 136 29.60 -26.74 -25.68
C ILE A 136 28.80 -27.41 -26.85
N GLY A 137 29.18 -27.08 -28.09
CA GLY A 137 28.53 -27.71 -29.20
C GLY A 137 27.35 -26.87 -29.53
N HIS A 138 26.28 -27.46 -30.04
CA HIS A 138 25.13 -26.67 -30.43
C HIS A 138 23.96 -26.88 -29.46
N ILE A 139 23.65 -25.90 -28.61
CA ILE A 139 22.56 -26.04 -27.65
C ILE A 139 21.34 -25.27 -28.15
N THR A 140 20.26 -25.95 -28.50
CA THR A 140 19.00 -25.21 -28.67
C THR A 140 18.01 -25.50 -27.50
N MET A 141 17.29 -24.46 -27.04
CA MET A 141 16.34 -24.59 -25.93
C MET A 141 14.91 -24.28 -26.38
N GLN A 142 13.92 -24.88 -25.72
CA GLN A 142 12.54 -24.57 -25.96
C GLN A 142 11.77 -24.16 -24.69
N TYR A 143 11.02 -23.08 -24.78
CA TYR A 143 10.22 -22.59 -23.68
C TYR A 143 8.76 -22.54 -24.08
N MET A 144 7.92 -23.28 -23.38
CA MET A 144 6.54 -23.41 -23.79
C MET A 144 5.68 -22.96 -22.63
N TYR A 145 4.63 -22.22 -22.94
CA TYR A 145 3.70 -21.77 -21.94
C TYR A 145 2.58 -22.75 -21.84
N VAL A 146 2.34 -23.25 -20.64
CA VAL A 146 1.40 -24.34 -20.45
C VAL A 146 0.38 -23.94 -19.44
N PRO A 147 -0.69 -23.31 -19.93
CA PRO A 147 -1.82 -22.76 -19.19
C PRO A 147 -2.54 -23.85 -18.45
N PRO A 148 -3.33 -23.44 -17.45
CA PRO A 148 -3.99 -24.42 -16.63
C PRO A 148 -4.83 -25.33 -17.45
N GLY A 149 -4.57 -26.62 -17.30
CA GLY A 149 -5.31 -27.62 -18.01
C GLY A 149 -4.57 -28.19 -19.20
N ALA A 150 -3.61 -27.45 -19.72
CA ALA A 150 -2.88 -27.98 -20.85
C ALA A 150 -2.03 -29.12 -20.31
N PRO A 151 -1.66 -30.09 -21.16
CA PRO A 151 -0.88 -31.26 -20.78
C PRO A 151 0.51 -30.80 -20.43
N VAL A 152 0.97 -31.24 -19.26
CA VAL A 152 2.26 -30.84 -18.75
C VAL A 152 3.31 -31.86 -19.09
N PRO A 153 4.41 -31.40 -19.65
CA PRO A 153 5.38 -32.35 -20.11
C PRO A 153 6.00 -33.09 -18.93
N ASN A 154 6.06 -34.41 -19.03
CA ASN A 154 6.76 -35.24 -18.04
C ASN A 154 8.15 -35.75 -18.40
N SER A 155 8.64 -35.44 -19.59
CA SER A 155 9.94 -35.91 -20.01
C SER A 155 10.42 -35.03 -21.13
N ARG A 156 11.74 -34.97 -21.32
CA ARG A 156 12.29 -34.18 -22.40
C ARG A 156 11.66 -34.68 -23.65
N ASP A 157 11.13 -35.88 -23.50
CA ASP A 157 10.53 -36.71 -24.52
C ASP A 157 9.16 -36.29 -25.01
N ASP A 158 8.24 -36.00 -24.08
CA ASP A 158 6.84 -36.30 -24.41
C ASP A 158 6.19 -35.41 -25.46
N TYR A 159 5.10 -35.89 -25.99
CA TYR A 159 4.51 -35.27 -27.14
C TYR A 159 4.24 -33.78 -26.94
N ALA A 160 4.00 -33.35 -25.70
CA ALA A 160 3.48 -32.01 -25.49
C ALA A 160 4.35 -30.85 -26.00
N TRP A 161 5.61 -31.17 -26.35
CA TRP A 161 6.56 -30.18 -26.87
C TRP A 161 6.31 -30.04 -28.37
N GLN A 162 5.35 -30.81 -28.86
CA GLN A 162 4.93 -30.64 -30.22
C GLN A 162 4.40 -29.23 -30.31
N SER A 163 3.74 -28.80 -29.23
CA SER A 163 3.24 -27.44 -29.06
C SER A 163 2.30 -27.04 -30.18
N GLY A 164 1.35 -27.92 -30.44
CA GLY A 164 0.39 -27.75 -31.51
C GLY A 164 -0.45 -26.49 -31.46
N THR A 165 -1.07 -26.24 -30.31
CA THR A 165 -1.61 -24.93 -30.07
C THR A 165 -0.96 -24.04 -29.02
N ASN A 166 -0.07 -24.57 -28.20
CA ASN A 166 0.58 -23.72 -27.20
C ASN A 166 1.60 -22.75 -27.80
N ALA A 167 1.97 -21.75 -27.04
CA ALA A 167 2.98 -20.86 -27.55
C ALA A 167 4.30 -21.37 -27.02
N SER A 168 5.28 -21.53 -27.92
CA SER A 168 6.63 -21.84 -27.51
C SER A 168 7.58 -20.88 -28.18
N VAL A 169 8.73 -20.63 -27.57
CA VAL A 169 9.70 -19.76 -28.17
C VAL A 169 10.99 -20.53 -28.09
N PHE A 170 11.83 -20.43 -29.12
CA PHE A 170 13.09 -21.17 -29.21
C PHE A 170 14.29 -20.28 -29.08
N TRP A 171 15.27 -20.75 -28.34
CA TRP A 171 16.53 -20.08 -28.29
C TRP A 171 17.64 -21.01 -28.63
N GLN A 172 18.62 -20.53 -29.39
CA GLN A 172 19.83 -21.31 -29.60
C GLN A 172 21.06 -20.46 -29.34
N HIS A 173 22.15 -21.09 -28.90
CA HIS A 173 23.36 -20.38 -28.51
C HIS A 173 23.75 -19.40 -29.61
N GLY A 174 24.07 -18.18 -29.22
CA GLY A 174 24.42 -17.16 -30.20
C GLY A 174 23.30 -16.27 -30.68
N GLN A 175 22.05 -16.74 -30.55
CA GLN A 175 20.85 -15.94 -30.83
C GLN A 175 20.62 -14.90 -29.76
N ALA A 176 20.10 -13.74 -30.11
CA ALA A 176 19.90 -12.76 -29.05
C ALA A 176 18.68 -12.99 -28.13
N TYR A 177 18.67 -12.31 -26.99
CA TYR A 177 17.74 -12.56 -25.91
C TYR A 177 16.33 -12.65 -26.44
N PRO A 178 15.66 -13.75 -26.24
CA PRO A 178 14.29 -13.79 -26.74
C PRO A 178 13.44 -12.78 -25.98
N ARG A 179 12.37 -12.29 -26.62
CA ARG A 179 11.35 -11.46 -25.97
C ARG A 179 9.99 -11.69 -26.57
N PHE A 180 8.90 -11.50 -25.81
CA PHE A 180 7.53 -11.50 -26.39
C PHE A 180 6.61 -10.80 -25.44
N SER A 181 5.43 -10.45 -25.92
CA SER A 181 4.39 -9.75 -25.13
C SER A 181 3.23 -10.62 -24.73
N LEU A 182 2.68 -10.38 -23.57
CA LEU A 182 1.44 -11.00 -23.17
C LEU A 182 0.30 -10.00 -22.94
N PRO A 183 -0.89 -10.35 -23.34
CA PRO A 183 -2.05 -9.56 -23.00
C PRO A 183 -2.49 -9.85 -21.59
N PHE A 184 -3.09 -8.88 -20.90
CA PHE A 184 -3.47 -9.08 -19.52
C PHE A 184 -4.33 -10.32 -19.38
N LEU A 185 -3.86 -11.29 -18.59
CA LEU A 185 -4.41 -12.64 -18.64
C LEU A 185 -5.45 -13.05 -17.64
N SER A 186 -5.78 -12.21 -16.68
CA SER A 186 -6.69 -12.66 -15.63
C SER A 186 -8.05 -12.91 -16.18
N VAL A 187 -8.80 -13.65 -15.37
CA VAL A 187 -10.16 -13.97 -15.67
C VAL A 187 -11.06 -12.89 -15.12
N ALA A 188 -10.51 -12.03 -14.27
CA ALA A 188 -11.26 -10.90 -13.70
C ALA A 188 -10.74 -9.60 -14.23
N SER A 189 -11.26 -8.52 -13.68
CA SER A 189 -10.99 -7.25 -14.30
C SER A 189 -9.61 -6.80 -14.00
N ALA A 190 -9.04 -7.27 -12.88
CA ALA A 190 -7.64 -7.01 -12.54
C ALA A 190 -6.95 -8.17 -11.82
N TYR A 191 -5.64 -8.11 -11.70
CA TYR A 191 -4.93 -9.15 -10.98
C TYR A 191 -5.06 -8.81 -9.52
N TYR A 192 -5.19 -9.81 -8.68
CA TYR A 192 -5.18 -9.60 -7.23
C TYR A 192 -3.79 -9.69 -6.61
N MET A 193 -3.31 -8.63 -5.98
CA MET A 193 -2.03 -8.71 -5.27
C MET A 193 -2.20 -9.29 -3.87
N PHE A 194 -3.44 -9.30 -3.38
CA PHE A 194 -3.74 -9.81 -2.06
C PHE A 194 -5.14 -10.40 -2.13
N TYR A 195 -5.46 -11.45 -1.38
CA TYR A 195 -6.81 -12.02 -1.35
C TYR A 195 -7.23 -12.45 0.00
N ASP A 196 -8.31 -11.90 0.52
CA ASP A 196 -8.81 -12.13 1.88
C ASP A 196 -9.74 -13.34 1.97
N GLY A 197 -9.58 -14.25 1.00
CA GLY A 197 -10.46 -15.40 0.98
C GLY A 197 -9.81 -16.72 0.65
N TYR A 198 -10.56 -17.82 0.74
CA TYR A 198 -10.09 -19.19 0.55
C TYR A 198 -10.73 -19.87 -0.66
N ASP A 199 -10.38 -21.13 -0.88
CA ASP A 199 -10.99 -21.93 -1.95
C ASP A 199 -12.32 -22.59 -1.57
N GLU A 200 -12.93 -23.34 -2.48
CA GLU A 200 -14.25 -23.93 -2.26
C GLU A 200 -14.23 -24.85 -1.04
N GLN A 201 -13.04 -25.34 -0.75
CA GLN A 201 -12.82 -26.34 0.27
C GLN A 201 -12.44 -25.66 1.57
N ASP A 202 -12.53 -24.34 1.60
CA ASP A 202 -12.20 -23.56 2.80
C ASP A 202 -10.70 -23.66 3.18
N GLN A 203 -9.83 -23.76 2.19
CA GLN A 203 -8.41 -23.94 2.43
C GLN A 203 -7.57 -23.12 1.54
N ASN A 204 -6.30 -23.02 1.89
CA ASN A 204 -5.33 -22.21 1.16
C ASN A 204 -5.61 -20.73 1.16
N TYR A 205 -5.53 -20.10 2.32
CA TYR A 205 -5.79 -18.68 2.37
C TYR A 205 -4.92 -17.97 1.35
N GLY A 206 -5.42 -16.90 0.77
CA GLY A 206 -4.60 -15.96 0.01
C GLY A 206 -4.51 -16.11 -1.50
N THR A 207 -3.53 -15.44 -2.08
CA THR A 207 -3.38 -15.27 -3.51
C THR A 207 -3.28 -16.58 -4.28
N ALA A 208 -3.01 -17.62 -3.52
CA ALA A 208 -2.87 -18.94 -4.07
C ALA A 208 -4.02 -19.19 -4.97
N ASN A 209 -5.20 -18.93 -4.43
CA ASN A 209 -6.49 -19.03 -5.13
C ASN A 209 -6.68 -18.19 -6.40
N THR A 210 -6.15 -16.98 -6.41
CA THR A 210 -6.51 -16.07 -7.46
C THR A 210 -5.82 -16.32 -8.73
N ASN A 211 -4.58 -15.94 -8.80
CA ASN A 211 -4.03 -15.98 -10.13
C ASN A 211 -3.09 -17.17 -10.25
N ASN A 212 -3.68 -18.06 -11.05
CA ASN A 212 -3.13 -19.29 -11.52
C ASN A 212 -2.96 -19.20 -13.02
N MET A 213 -1.73 -18.97 -13.46
CA MET A 213 -1.45 -18.71 -14.86
C MET A 213 -1.01 -20.00 -15.52
N GLY A 214 -0.91 -21.05 -14.73
CA GLY A 214 -0.29 -22.22 -15.27
C GLY A 214 1.22 -22.05 -15.18
N SER A 215 1.96 -22.73 -16.06
CA SER A 215 3.38 -22.92 -15.88
C SER A 215 4.25 -22.68 -17.08
N LEU A 216 5.50 -22.27 -16.83
CA LEU A 216 6.51 -22.12 -17.83
C LEU A 216 7.42 -23.36 -17.83
N CYS A 217 7.41 -24.09 -18.97
CA CYS A 217 8.19 -25.32 -19.13
C CYS A 217 9.32 -25.24 -20.14
N SER A 218 10.50 -25.68 -19.72
CA SER A 218 11.74 -25.48 -20.44
C SER A 218 12.17 -26.86 -20.81
N ARG A 219 12.81 -27.02 -21.97
CA ARG A 219 13.47 -28.29 -22.29
C ARG A 219 14.66 -28.04 -23.19
N ILE A 220 15.65 -28.90 -23.14
CA ILE A 220 16.79 -28.72 -24.01
C ILE A 220 16.41 -29.53 -25.18
N VAL A 221 16.40 -28.96 -26.37
CA VAL A 221 15.92 -29.75 -27.49
C VAL A 221 16.94 -30.49 -28.32
N THR A 222 18.23 -30.19 -28.19
CA THR A 222 19.26 -30.80 -29.00
C THR A 222 19.38 -32.23 -28.55
N GLU A 223 19.59 -33.16 -29.48
CA GLU A 223 19.42 -34.57 -29.12
C GLU A 223 20.60 -35.10 -28.31
N LYS A 224 20.60 -36.35 -27.86
CA LYS A 224 21.66 -36.82 -26.96
C LYS A 224 23.02 -36.45 -27.53
N HIS A 225 23.88 -35.95 -26.68
CA HIS A 225 25.26 -35.59 -27.06
C HIS A 225 26.27 -35.71 -25.87
N ILE A 226 27.53 -35.37 -26.08
CA ILE A 226 28.53 -35.67 -25.07
C ILE A 226 28.92 -34.62 -24.03
N HIS A 227 28.53 -33.37 -24.19
CA HIS A 227 29.05 -32.37 -23.28
C HIS A 227 28.15 -32.13 -22.08
N LYS A 228 28.67 -32.21 -20.85
CA LYS A 228 27.84 -31.86 -19.72
C LYS A 228 27.82 -30.35 -19.65
N VAL A 229 26.61 -29.80 -19.56
CA VAL A 229 26.44 -28.37 -19.37
C VAL A 229 25.31 -28.11 -18.45
N HIS A 230 25.25 -26.87 -17.97
CA HIS A 230 24.10 -26.34 -17.23
C HIS A 230 23.52 -25.15 -18.05
N ILE A 231 22.20 -25.02 -18.13
CA ILE A 231 21.63 -23.84 -18.76
C ILE A 231 20.78 -23.04 -17.80
N MET A 232 21.18 -21.80 -17.54
CA MET A 232 20.38 -20.98 -16.66
C MET A 232 19.68 -19.82 -17.34
N THR A 233 18.37 -19.94 -17.49
CA THR A 233 17.59 -18.95 -18.19
C THR A 233 16.91 -18.10 -17.16
N ARG A 234 17.20 -16.82 -17.17
CA ARG A 234 16.57 -15.94 -16.22
C ARG A 234 15.40 -15.25 -16.89
N ILE A 235 14.25 -15.17 -16.20
CA ILE A 235 13.06 -14.55 -16.75
C ILE A 235 12.85 -13.14 -16.28
N TYR A 236 12.73 -12.19 -17.21
CA TYR A 236 12.51 -10.77 -16.86
C TYR A 236 11.13 -10.23 -17.27
N HIS A 237 10.52 -9.35 -16.45
CA HIS A 237 9.14 -8.88 -16.72
C HIS A 237 8.87 -7.39 -16.57
N LYS A 238 8.49 -6.79 -17.68
CA LYS A 238 8.13 -5.37 -17.73
C LYS A 238 6.62 -5.30 -17.76
N ALA A 239 6.03 -4.33 -17.08
CA ALA A 239 4.58 -4.08 -17.25
C ALA A 239 4.37 -2.98 -18.26
N LYS A 240 3.46 -3.22 -19.20
CA LYS A 240 3.10 -2.24 -20.20
C LYS A 240 1.62 -1.91 -20.01
N HIS A 241 1.25 -0.64 -20.24
CA HIS A 241 -0.16 -0.24 -20.28
C HIS A 241 -0.82 -0.44 -18.93
N VAL A 242 -0.47 0.37 -17.95
CA VAL A 242 -0.79 0.00 -16.60
C VAL A 242 -1.83 0.85 -15.89
N LYS A 243 -2.70 0.18 -15.13
CA LYS A 243 -3.51 0.89 -14.15
C LYS A 243 -3.39 0.10 -12.91
N ALA A 244 -3.52 0.76 -11.76
CA ALA A 244 -3.60 0.04 -10.47
C ALA A 244 -4.50 0.78 -9.53
N TRP A 245 -5.05 0.10 -8.53
CA TRP A 245 -5.97 0.70 -7.57
C TRP A 245 -5.66 0.38 -6.12
N CYS A 246 -6.11 1.25 -5.23
CA CYS A 246 -6.03 1.04 -3.78
C CYS A 246 -4.64 0.84 -3.19
N PRO A 247 -3.86 1.91 -3.10
CA PRO A 247 -2.49 1.81 -2.58
C PRO A 247 -2.52 1.30 -1.17
N ARG A 248 -1.52 0.46 -0.83
CA ARG A 248 -1.34 -0.19 0.47
C ARG A 248 0.03 0.20 0.99
N PRO A 249 0.30 0.06 2.31
CA PRO A 249 1.65 0.41 2.73
C PRO A 249 2.63 -0.63 2.24
N PRO A 250 3.88 -0.23 2.07
CA PRO A 250 4.93 -1.03 1.44
C PRO A 250 5.43 -2.07 2.39
N ARG A 251 5.90 -3.21 1.86
CA ARG A 251 6.29 -4.34 2.68
C ARG A 251 7.44 -3.96 3.52
N ALA A 252 7.31 -4.18 4.83
CA ALA A 252 8.29 -3.69 5.80
C ALA A 252 9.43 -4.65 6.17
N LEU A 253 9.27 -5.93 5.82
CA LEU A 253 10.03 -7.09 6.29
C LEU A 253 10.38 -8.02 5.13
N GLU A 254 11.30 -8.91 5.36
CA GLU A 254 11.74 -9.77 4.29
C GLU A 254 10.56 -10.63 3.87
N TYR A 255 10.56 -11.17 2.64
CA TYR A 255 9.49 -12.07 2.20
C TYR A 255 9.82 -13.50 2.55
N THR A 256 8.87 -14.23 3.14
CA THR A 256 9.03 -15.62 3.54
C THR A 256 8.63 -16.53 2.43
N ARG A 257 7.40 -16.42 2.06
CA ARG A 257 6.81 -17.43 1.26
C ARG A 257 5.93 -16.71 0.21
N ALA A 258 5.71 -17.34 -0.94
CA ALA A 258 4.86 -16.74 -1.98
C ALA A 258 3.40 -16.95 -1.65
N HIS A 259 2.60 -15.95 -2.02
CA HIS A 259 1.16 -16.06 -1.92
C HIS A 259 0.68 -15.96 -0.48
N ARG A 260 1.61 -15.79 0.46
CA ARG A 260 1.26 -15.59 1.86
C ARG A 260 1.99 -14.38 2.36
N THR A 261 1.38 -13.61 3.28
CA THR A 261 2.03 -12.43 3.88
C THR A 261 2.92 -12.79 5.07
N ASN A 262 3.07 -14.08 5.35
CA ASN A 262 3.81 -14.56 6.51
C ASN A 262 5.13 -13.87 6.53
N PHE A 263 5.45 -13.27 7.68
CA PHE A 263 6.76 -12.70 7.91
C PHE A 263 7.66 -13.38 8.94
N LYS A 264 7.15 -14.37 9.67
CA LYS A 264 7.94 -14.83 10.81
C LYS A 264 9.01 -15.81 10.34
N ILE A 265 10.19 -15.72 10.95
CA ILE A 265 11.32 -16.57 10.59
C ILE A 265 11.97 -17.27 11.82
N GLU A 266 12.52 -18.46 11.62
CA GLU A 266 12.88 -19.35 12.75
C GLU A 266 14.15 -18.92 13.44
N ASP A 267 14.05 -18.71 14.75
CA ASP A 267 15.21 -18.31 15.53
C ASP A 267 15.84 -17.01 15.00
N ARG A 268 15.04 -16.12 14.43
CA ARG A 268 15.55 -14.79 14.09
C ARG A 268 14.59 -13.66 14.54
N SER A 269 15.18 -12.61 15.14
CA SER A 269 14.44 -11.49 15.67
C SER A 269 13.72 -10.83 14.53
N ILE A 270 12.57 -10.26 14.80
CA ILE A 270 11.78 -9.72 13.73
C ILE A 270 12.20 -8.29 13.47
N GLN A 271 12.69 -8.06 12.26
CA GLN A 271 13.59 -6.94 12.01
C GLN A 271 13.11 -6.02 10.89
N THR A 272 12.69 -4.80 11.25
CA THR A 272 12.19 -3.86 10.25
C THR A 272 13.36 -3.10 9.66
N ALA A 273 13.06 -2.10 8.84
CA ALA A 273 14.13 -1.35 8.24
C ALA A 273 14.38 -0.05 8.99
N ILE A 274 13.58 0.17 10.04
CA ILE A 274 13.70 1.33 10.93
C ILE A 274 15.04 1.24 11.64
N VAL A 275 15.63 2.37 11.97
CA VAL A 275 16.92 2.34 12.65
C VAL A 275 16.96 3.07 13.99
N THR A 276 17.44 2.40 15.03
CA THR A 276 17.35 2.96 16.37
C THR A 276 18.29 4.15 16.61
N ARG A 277 17.84 5.04 17.50
CA ARG A 277 18.63 6.16 17.98
C ARG A 277 18.95 5.95 19.47
N PRO A 278 20.02 6.58 19.94
CA PRO A 278 20.29 6.69 21.36
C PRO A 278 19.25 7.54 22.08
N ILE A 279 19.03 8.72 21.55
CA ILE A 279 18.02 9.57 22.16
C ILE A 279 17.35 10.51 21.19
N ILE A 280 16.06 10.79 21.44
CA ILE A 280 15.20 11.52 20.49
C ILE A 280 15.42 13.03 20.39
N THR A 281 16.27 13.60 21.24
CA THR A 281 16.57 15.04 21.18
C THR A 281 17.81 15.31 20.35
N THR A 282 18.26 14.27 19.67
CA THR A 282 19.44 14.35 18.83
C THR A 282 19.25 13.54 17.53
N ALA A 283 19.60 14.10 16.40
CA ALA A 283 19.23 13.43 15.17
C ALA A 283 20.31 12.52 14.56
N ASP B 11 -22.86 21.92 13.73
CA ASP B 11 -21.99 21.45 12.64
C ASP B 11 -20.94 20.32 12.97
N ARG B 12 -20.83 19.89 14.25
CA ARG B 12 -20.09 18.66 14.63
C ARG B 12 -21.05 17.49 14.84
N ILE B 13 -22.33 17.80 14.69
CA ILE B 13 -23.44 16.85 14.68
C ILE B 13 -23.47 16.02 13.39
N ILE B 14 -24.00 14.81 13.51
CA ILE B 14 -24.23 13.99 12.35
C ILE B 14 -25.45 13.13 12.60
N GLN B 15 -26.28 12.98 11.61
CA GLN B 15 -27.34 12.03 11.73
C GLN B 15 -27.35 11.24 10.45
N ILE B 16 -27.14 9.95 10.57
CA ILE B 16 -27.27 9.11 9.41
C ILE B 16 -28.41 8.13 9.60
N THR B 17 -29.30 8.05 8.60
CA THR B 17 -30.46 7.17 8.69
C THR B 17 -30.29 6.17 7.54
N ARG B 18 -30.51 4.89 7.84
CA ARG B 18 -30.23 3.87 6.89
C ARG B 18 -31.42 3.01 6.66
N GLY B 19 -31.84 2.36 7.71
CA GLY B 19 -32.91 1.43 7.53
C GLY B 19 -34.19 2.05 7.93
N ASP B 20 -34.90 1.23 8.67
CA ASP B 20 -35.64 1.64 9.84
C ASP B 20 -34.65 2.16 10.96
N SER B 21 -33.36 2.22 10.67
CA SER B 21 -32.39 2.70 11.66
C SER B 21 -31.85 4.13 11.45
N THR B 22 -31.73 4.89 12.54
CA THR B 22 -31.05 6.21 12.56
C THR B 22 -29.99 6.40 13.62
N ILE B 23 -28.77 6.76 13.22
CA ILE B 23 -27.65 6.96 14.16
C ILE B 23 -27.37 8.45 14.37
N THR B 24 -26.92 8.76 15.58
CA THR B 24 -26.68 10.12 15.93
C THR B 24 -25.33 10.31 16.64
N SER B 25 -24.57 11.35 16.30
CA SER B 25 -23.41 11.65 17.11
C SER B 25 -23.12 13.13 17.20
N GLN B 26 -22.95 13.64 18.43
CA GLN B 26 -22.84 15.07 18.63
C GLN B 26 -21.41 15.58 18.54
N ASP B 27 -20.43 14.68 18.62
CA ASP B 27 -19.02 15.02 18.27
C ASP B 27 -18.41 14.04 17.28
N VAL B 28 -18.27 14.49 16.04
CA VAL B 28 -17.72 13.63 15.05
C VAL B 28 -16.76 14.51 14.26
N ALA B 29 -15.81 13.86 13.58
CA ALA B 29 -14.98 14.56 12.61
C ALA B 29 -15.50 14.22 11.20
N ASN B 30 -16.16 15.19 10.57
CA ASN B 30 -16.70 15.02 9.24
C ASN B 30 -17.24 13.59 9.11
N ALA B 31 -17.02 13.00 7.95
CA ALA B 31 -17.12 11.56 7.74
C ALA B 31 -16.33 11.32 6.48
N ILE B 32 -15.97 10.08 6.28
CA ILE B 32 -15.12 9.84 5.17
C ILE B 32 -15.83 8.93 4.18
N VAL B 33 -15.71 9.28 2.92
CA VAL B 33 -16.18 8.38 1.93
C VAL B 33 -15.00 7.69 1.32
N ALA B 34 -14.98 6.39 1.46
CA ALA B 34 -13.85 5.62 0.96
C ALA B 34 -13.54 5.85 -0.51
N TYR B 35 -12.34 6.24 -0.79
CA TYR B 35 -11.86 6.23 -2.17
C TYR B 35 -12.71 7.13 -2.99
N GLY B 36 -13.38 8.04 -2.30
CA GLY B 36 -14.16 9.07 -2.99
C GLY B 36 -15.38 8.67 -3.84
N VAL B 37 -15.96 7.51 -3.56
CA VAL B 37 -17.01 6.96 -4.37
C VAL B 37 -18.12 6.48 -3.50
N TRP B 38 -19.33 6.91 -3.77
CA TRP B 38 -20.45 6.46 -3.00
C TRP B 38 -20.92 5.15 -3.57
N PRO B 39 -21.42 4.26 -2.71
CA PRO B 39 -21.93 2.91 -3.04
C PRO B 39 -23.01 2.96 -4.06
N HIS B 40 -22.99 2.05 -5.00
CA HIS B 40 -24.09 1.99 -5.95
C HIS B 40 -24.50 0.56 -6.31
N TYR B 41 -25.65 0.42 -6.98
CA TYR B 41 -26.05 -0.90 -7.44
C TYR B 41 -25.27 -1.27 -8.72
N LEU B 42 -25.15 -2.56 -9.02
CA LEU B 42 -24.22 -2.98 -10.07
C LEU B 42 -24.82 -2.77 -11.40
N SER B 43 -24.14 -2.01 -12.25
CA SER B 43 -24.65 -1.73 -13.62
C SER B 43 -24.62 -2.84 -14.72
N SER B 44 -25.40 -2.62 -15.75
CA SER B 44 -25.47 -3.51 -16.88
C SER B 44 -24.15 -3.69 -17.62
N LYS B 45 -23.23 -2.71 -17.55
CA LYS B 45 -21.98 -2.68 -18.37
C LYS B 45 -20.88 -3.54 -17.77
N ASP B 46 -20.89 -3.51 -16.46
CA ASP B 46 -19.93 -4.17 -15.60
C ASP B 46 -20.38 -5.56 -15.17
N ALA B 47 -21.60 -5.95 -15.45
CA ALA B 47 -22.09 -7.15 -14.85
C ALA B 47 -21.52 -8.39 -15.49
N SER B 48 -21.66 -9.48 -14.75
CA SER B 48 -21.29 -10.81 -15.21
C SER B 48 -22.44 -11.80 -15.08
N ALA B 49 -22.90 -12.03 -13.86
CA ALA B 49 -24.02 -12.93 -13.63
C ALA B 49 -25.27 -12.43 -14.27
N ILE B 50 -25.84 -13.28 -15.11
CA ILE B 50 -26.96 -12.89 -15.93
C ILE B 50 -28.33 -13.04 -15.28
N ASP B 51 -28.42 -13.57 -14.06
CA ASP B 51 -29.72 -13.53 -13.35
C ASP B 51 -30.05 -12.22 -12.64
N LYS B 52 -31.35 -11.96 -12.45
CA LYS B 52 -31.89 -10.75 -11.81
C LYS B 52 -31.51 -10.75 -10.34
N PRO B 53 -30.71 -9.75 -9.88
CA PRO B 53 -30.35 -9.69 -8.47
C PRO B 53 -31.55 -9.40 -7.58
N SER B 54 -31.39 -9.69 -6.31
CA SER B 54 -32.42 -9.52 -5.34
C SER B 54 -31.91 -8.38 -4.49
N GLN B 55 -32.72 -7.38 -4.27
CA GLN B 55 -32.27 -6.20 -3.55
C GLN B 55 -33.21 -5.87 -2.39
N PRO B 56 -32.88 -6.40 -1.22
CA PRO B 56 -33.75 -6.35 -0.03
C PRO B 56 -34.04 -4.93 0.48
N ASP B 57 -33.28 -3.94 0.01
CA ASP B 57 -33.58 -2.57 0.36
C ASP B 57 -33.54 -2.36 1.86
N THR B 58 -34.59 -1.79 2.44
CA THR B 58 -34.63 -1.48 3.88
C THR B 58 -34.48 -2.67 4.85
N SER B 59 -34.79 -3.89 4.44
CA SER B 59 -34.73 -5.04 5.34
C SER B 59 -33.29 -5.52 5.46
N SER B 60 -32.45 -5.03 4.55
CA SER B 60 -31.07 -5.47 4.46
C SER B 60 -30.17 -4.30 4.75
N ASN B 61 -30.33 -3.17 4.05
CA ASN B 61 -29.43 -2.04 4.24
C ASN B 61 -29.94 -1.19 5.41
N ARG B 62 -29.39 -1.50 6.59
CA ARG B 62 -29.80 -0.99 7.88
C ARG B 62 -28.64 -1.22 8.84
N PHE B 63 -28.68 -0.56 9.99
CA PHE B 63 -27.59 -0.65 10.93
C PHE B 63 -27.69 -1.83 11.82
N TYR B 64 -26.69 -2.69 11.68
CA TYR B 64 -26.49 -3.86 12.51
C TYR B 64 -25.36 -3.50 13.47
N THR B 65 -25.56 -3.64 14.77
CA THR B 65 -24.52 -3.26 15.72
C THR B 65 -24.02 -4.50 16.47
N LEU B 66 -22.72 -4.75 16.42
CA LEU B 66 -22.20 -5.97 17.01
C LEU B 66 -21.89 -5.90 18.47
N ARG B 67 -21.50 -7.05 19.02
CA ARG B 67 -21.12 -7.17 20.45
C ARG B 67 -19.97 -6.26 20.70
N SER B 68 -20.03 -5.47 21.78
CA SER B 68 -18.98 -4.49 22.07
C SER B 68 -17.71 -5.08 22.68
N VAL B 69 -16.61 -4.36 22.53
CA VAL B 69 -15.33 -4.78 23.09
C VAL B 69 -14.85 -3.77 24.14
N THR B 70 -13.99 -4.21 25.06
CA THR B 70 -13.54 -3.33 26.12
C THR B 70 -12.11 -2.82 25.99
N TRP B 71 -11.97 -1.51 26.12
CA TRP B 71 -10.71 -0.82 25.91
C TRP B 71 -10.13 -0.52 27.26
N SER B 72 -8.94 -1.08 27.50
CA SER B 72 -8.19 -0.86 28.75
C SER B 72 -6.79 -0.39 28.55
N SER B 73 -6.12 -0.16 29.69
CA SER B 73 -4.76 0.35 29.74
C SER B 73 -3.88 -0.61 28.97
N SER B 74 -4.32 -1.84 28.86
CA SER B 74 -3.52 -2.86 28.19
C SER B 74 -3.89 -3.20 26.77
N SER B 75 -4.98 -2.66 26.24
CA SER B 75 -5.52 -3.17 24.97
C SER B 75 -4.62 -2.74 23.79
N LYS B 76 -4.07 -3.69 23.04
CA LYS B 76 -3.22 -3.26 21.95
C LYS B 76 -3.84 -3.32 20.56
N GLY B 77 -5.07 -3.84 20.40
CA GLY B 77 -5.82 -3.72 19.12
C GLY B 77 -6.94 -4.75 18.88
N TRP B 78 -7.74 -4.54 17.83
CA TRP B 78 -8.78 -5.49 17.43
C TRP B 78 -9.04 -5.43 15.91
N TRP B 79 -9.62 -6.48 15.31
CA TRP B 79 -10.09 -6.41 13.93
C TRP B 79 -11.32 -7.25 13.67
N TRP B 80 -12.08 -6.89 12.64
CA TRP B 80 -13.24 -7.65 12.14
C TRP B 80 -13.21 -7.79 10.63
N LYS B 81 -13.88 -8.79 10.08
CA LYS B 81 -13.90 -8.93 8.63
C LYS B 81 -15.34 -8.85 8.07
N LEU B 82 -15.50 -8.22 6.92
CA LEU B 82 -16.79 -8.05 6.25
C LEU B 82 -16.78 -8.76 4.91
N PRO B 83 -17.91 -9.33 4.51
CA PRO B 83 -19.22 -9.45 5.11
C PRO B 83 -19.25 -10.29 6.36
N ASP B 84 -18.16 -10.99 6.70
CA ASP B 84 -18.21 -11.98 7.78
C ASP B 84 -18.92 -11.54 9.07
N ALA B 85 -18.58 -10.38 9.62
CA ALA B 85 -19.14 -9.94 10.90
C ALA B 85 -20.67 -9.93 10.89
N LEU B 86 -21.24 -9.82 9.70
CA LEU B 86 -22.67 -9.73 9.59
C LEU B 86 -23.26 -11.10 9.35
N LYS B 87 -22.47 -12.16 9.44
CA LYS B 87 -22.94 -13.50 9.15
C LYS B 87 -24.28 -13.80 9.73
N ASP B 88 -24.47 -13.52 11.00
CA ASP B 88 -25.73 -13.86 11.70
C ASP B 88 -26.80 -12.76 11.90
N MET B 89 -26.56 -11.65 11.22
CA MET B 89 -27.38 -10.48 11.37
C MET B 89 -28.54 -10.46 10.39
N GLY B 90 -29.73 -10.73 10.90
CA GLY B 90 -30.95 -10.46 10.15
C GLY B 90 -31.08 -10.94 8.71
N ILE B 91 -31.74 -10.13 7.89
CA ILE B 91 -31.98 -10.54 6.51
C ILE B 91 -30.72 -10.50 5.65
N PHE B 92 -29.81 -9.57 5.94
CA PHE B 92 -28.52 -9.51 5.25
C PHE B 92 -27.77 -10.80 5.46
N GLY B 93 -27.83 -11.31 6.67
CA GLY B 93 -27.21 -12.57 6.94
C GLY B 93 -27.84 -13.66 6.14
N GLU B 94 -29.13 -13.84 6.33
CA GLU B 94 -29.73 -14.94 5.63
C GLU B 94 -29.50 -14.82 4.10
N ASN B 95 -29.70 -13.63 3.53
CA ASN B 95 -29.45 -13.47 2.11
C ASN B 95 -28.00 -13.93 1.76
N MET B 96 -27.08 -13.82 2.70
CA MET B 96 -25.67 -14.16 2.45
C MET B 96 -25.41 -15.63 2.12
N PHE B 97 -26.09 -16.54 2.80
CA PHE B 97 -25.87 -17.98 2.59
C PHE B 97 -26.82 -18.69 1.67
N TYR B 98 -27.89 -17.99 1.28
CA TYR B 98 -28.86 -18.53 0.33
C TYR B 98 -28.42 -18.30 -1.11
N HIS B 99 -27.54 -17.34 -1.34
CA HIS B 99 -26.96 -17.23 -2.67
C HIS B 99 -25.46 -17.45 -2.76
N TYR B 100 -25.01 -17.81 -3.95
CA TYR B 100 -23.62 -17.94 -4.31
C TYR B 100 -23.02 -16.57 -4.13
N LEU B 101 -23.62 -15.61 -4.80
CA LEU B 101 -23.01 -14.30 -4.93
C LEU B 101 -23.75 -13.15 -4.23
N GLY B 102 -22.97 -12.20 -3.74
CA GLY B 102 -23.52 -10.95 -3.25
C GLY B 102 -22.53 -9.81 -3.37
N ARG B 103 -23.06 -8.59 -3.40
CA ARG B 103 -22.24 -7.39 -3.34
C ARG B 103 -22.94 -6.34 -2.47
N SER B 104 -22.14 -5.60 -1.72
CA SER B 104 -22.66 -4.53 -0.87
C SER B 104 -21.61 -3.48 -0.52
N GLY B 105 -22.04 -2.25 -0.24
CA GLY B 105 -21.21 -1.23 0.38
C GLY B 105 -21.68 -1.10 1.82
N TYR B 106 -20.95 -0.34 2.63
CA TYR B 106 -21.31 -0.23 4.03
C TYR B 106 -21.11 1.17 4.52
N THR B 107 -21.88 1.53 5.53
CA THR B 107 -21.53 2.67 6.36
C THR B 107 -21.09 2.09 7.66
N ILE B 108 -19.89 2.43 8.05
CA ILE B 108 -19.33 1.90 9.27
C ILE B 108 -19.30 2.97 10.30
N HIS B 109 -19.94 2.73 11.42
CA HIS B 109 -19.90 3.74 12.44
C HIS B 109 -19.42 3.18 13.75
N VAL B 110 -18.20 3.61 14.11
CA VAL B 110 -17.49 3.15 15.31
C VAL B 110 -17.69 4.18 16.40
N GLN B 111 -18.05 3.73 17.61
CA GLN B 111 -18.47 4.66 18.68
C GLN B 111 -17.75 4.33 19.96
N CYS B 112 -17.09 5.33 20.52
CA CYS B 112 -16.46 5.23 21.83
C CYS B 112 -16.52 6.55 22.57
N ASN B 113 -17.14 6.60 23.74
CA ASN B 113 -17.21 7.89 24.41
C ASN B 113 -16.55 7.76 25.76
N ALA B 114 -16.21 8.90 26.34
CA ALA B 114 -15.37 8.98 27.53
C ALA B 114 -15.70 10.28 28.26
N SER B 115 -14.77 10.84 28.99
CA SER B 115 -14.99 12.13 29.58
C SER B 115 -13.96 13.16 29.12
N LYS B 116 -14.21 14.45 29.35
CA LYS B 116 -13.18 15.44 29.07
C LYS B 116 -11.96 15.20 29.98
N PHE B 117 -12.11 14.27 30.90
CA PHE B 117 -11.04 13.90 31.80
C PHE B 117 -10.28 12.63 31.47
N HIS B 118 -10.56 12.06 30.31
CA HIS B 118 -9.81 10.94 29.80
C HIS B 118 -9.03 11.39 28.59
N GLN B 119 -7.96 10.67 28.28
CA GLN B 119 -7.24 10.84 27.02
C GLN B 119 -6.97 9.47 26.38
N GLY B 120 -7.09 9.39 25.07
CA GLY B 120 -6.76 8.17 24.36
C GLY B 120 -6.93 8.40 22.88
N THR B 121 -6.32 7.58 22.04
CA THR B 121 -6.48 7.75 20.60
C THR B 121 -6.56 6.43 19.83
N LEU B 122 -7.61 6.22 19.04
CA LEU B 122 -7.77 4.99 18.23
C LEU B 122 -7.53 5.25 16.76
N ILE B 123 -6.98 4.30 16.06
CA ILE B 123 -6.97 4.42 14.61
C ILE B 123 -8.05 3.54 14.08
N VAL B 124 -8.97 4.06 13.27
CA VAL B 124 -10.02 3.25 12.65
C VAL B 124 -9.84 3.19 11.14
N ALA B 125 -9.47 2.02 10.67
CA ALA B 125 -9.09 1.85 9.28
C ALA B 125 -9.93 0.76 8.68
N LEU B 126 -10.31 0.95 7.42
CA LEU B 126 -11.04 -0.06 6.68
C LEU B 126 -10.14 -0.44 5.59
N ILE B 127 -9.64 -1.67 5.58
CA ILE B 127 -8.66 -1.97 4.58
C ILE B 127 -9.17 -3.12 3.70
N PRO B 128 -9.00 -2.97 2.38
CA PRO B 128 -9.45 -3.91 1.34
C PRO B 128 -8.53 -5.06 1.13
N GLU B 129 -9.06 -6.26 1.01
CA GLU B 129 -8.21 -7.43 0.81
C GLU B 129 -7.15 -7.37 1.88
N HIS B 130 -7.55 -7.49 3.14
CA HIS B 130 -6.55 -7.49 4.18
C HIS B 130 -6.23 -8.93 4.43
N GLN B 131 -5.13 -9.37 3.86
CA GLN B 131 -4.74 -10.77 3.92
C GLN B 131 -3.70 -10.84 5.01
N ILE B 132 -4.05 -11.41 6.14
CA ILE B 132 -3.17 -11.32 7.25
C ILE B 132 -2.10 -12.40 7.16
N ALA B 133 -1.21 -12.37 8.13
CA ALA B 133 -0.04 -13.21 8.09
C ALA B 133 -0.07 -14.35 9.14
N SER B 134 0.54 -15.48 8.80
CA SER B 134 0.55 -16.57 9.74
C SER B 134 1.46 -16.21 10.90
N ALA B 135 1.09 -16.73 12.07
CA ALA B 135 1.83 -16.48 13.32
C ALA B 135 3.24 -17.01 13.33
N LEU B 136 3.45 -18.21 12.79
CA LEU B 136 4.77 -18.85 12.82
C LEU B 136 5.52 -18.88 11.48
N HIS B 137 6.71 -19.49 11.51
CA HIS B 137 7.57 -19.56 10.33
C HIS B 137 7.31 -20.81 9.55
N GLY B 138 7.92 -20.91 8.38
CA GLY B 138 7.78 -22.08 7.54
C GLY B 138 6.45 -22.17 6.82
N ASN B 139 5.92 -23.40 6.66
CA ASN B 139 4.81 -23.73 5.75
C ASN B 139 3.36 -23.60 6.25
N VAL B 140 3.18 -22.93 7.37
CA VAL B 140 1.84 -22.60 7.83
C VAL B 140 0.97 -21.66 6.97
N ASN B 141 -0.34 -21.73 7.21
CA ASN B 141 -1.27 -20.77 6.69
C ASN B 141 -2.30 -20.50 7.74
N VAL B 142 -3.27 -19.67 7.41
CA VAL B 142 -4.27 -19.34 8.38
C VAL B 142 -5.54 -20.11 8.09
N GLY B 143 -6.19 -20.59 9.13
CA GLY B 143 -7.33 -21.45 8.97
C GLY B 143 -8.64 -20.71 8.83
N TYR B 144 -9.54 -21.27 8.04
CA TYR B 144 -10.77 -20.57 7.67
C TYR B 144 -11.45 -19.96 8.89
N ASN B 145 -11.49 -20.74 9.96
CA ASN B 145 -12.26 -20.38 11.15
C ASN B 145 -11.69 -19.16 11.79
N TYR B 146 -10.38 -18.97 11.63
CA TYR B 146 -9.73 -17.89 12.36
C TYR B 146 -9.90 -16.55 11.67
N THR B 147 -10.17 -16.56 10.36
CA THR B 147 -10.54 -15.32 9.68
C THR B 147 -12.04 -15.15 9.55
N HIS B 148 -12.80 -16.04 10.16
CA HIS B 148 -14.25 -15.93 10.14
C HIS B 148 -14.85 -16.02 11.53
N PRO B 149 -14.42 -15.12 12.44
CA PRO B 149 -14.83 -15.02 13.84
C PRO B 149 -16.30 -14.63 14.07
N GLY B 150 -16.96 -14.07 13.06
CA GLY B 150 -18.30 -13.54 13.27
C GLY B 150 -18.20 -12.20 13.94
N GLU B 151 -19.22 -11.84 14.73
CA GLU B 151 -19.32 -10.47 15.19
C GLU B 151 -18.36 -10.14 16.29
N THR B 152 -17.71 -11.16 16.79
CA THR B 152 -16.86 -10.97 17.95
C THR B 152 -15.50 -10.42 17.61
N GLY B 153 -15.00 -10.75 16.42
CA GLY B 153 -13.71 -10.27 15.96
C GLY B 153 -12.50 -10.89 16.64
N ARG B 154 -11.30 -10.43 16.30
CA ARG B 154 -10.06 -10.90 16.95
C ARG B 154 -9.60 -9.86 17.95
N GLU B 155 -9.39 -10.28 19.20
CA GLU B 155 -8.65 -9.45 20.15
C GLU B 155 -7.17 -9.78 19.99
N VAL B 156 -6.31 -8.79 20.19
CA VAL B 156 -4.91 -9.15 20.23
C VAL B 156 -4.63 -9.54 21.65
N LYS B 157 -4.28 -10.82 21.80
CA LYS B 157 -4.07 -11.43 23.10
C LYS B 157 -2.67 -11.95 23.21
N ALA B 158 -2.02 -11.69 24.36
CA ALA B 158 -0.65 -12.14 24.60
C ALA B 158 -0.54 -13.64 24.98
N GLU B 159 -1.67 -14.27 25.24
CA GLU B 159 -1.75 -15.69 25.61
C GLU B 159 -1.24 -16.68 24.54
N THR B 160 -0.99 -17.91 24.96
CA THR B 160 -0.77 -18.99 24.01
C THR B 160 -2.12 -19.50 23.56
N ARG B 161 -2.19 -19.92 22.30
CA ARG B 161 -3.47 -20.24 21.65
C ARG B 161 -3.64 -21.64 21.11
N LEU B 162 -4.92 -22.00 21.07
CA LEU B 162 -5.47 -23.22 20.49
C LEU B 162 -4.91 -23.37 19.02
N ASN B 163 -4.26 -24.48 18.65
CA ASN B 163 -3.84 -24.74 17.24
C ASN B 163 -2.86 -23.84 16.46
N PRO B 164 -1.65 -23.55 16.98
CA PRO B 164 -0.91 -22.34 16.57
C PRO B 164 -0.46 -22.29 15.12
N ASP B 165 -0.33 -23.44 14.50
CA ASP B 165 0.07 -23.52 13.09
C ASP B 165 -1.04 -22.90 12.20
N LEU B 166 -2.25 -22.87 12.70
CA LEU B 166 -3.34 -22.23 12.00
C LEU B 166 -3.61 -20.78 12.38
N GLN B 167 -2.98 -20.29 13.43
CA GLN B 167 -3.28 -18.94 13.88
C GLN B 167 -2.58 -17.91 13.01
N PRO B 168 -3.19 -16.72 12.93
CA PRO B 168 -2.67 -15.47 12.39
C PRO B 168 -1.71 -14.81 13.37
N THR B 169 -0.77 -14.00 12.88
CA THR B 169 0.11 -13.28 13.79
C THR B 169 -0.69 -12.39 14.73
N GLU B 170 -0.15 -12.16 15.91
CA GLU B 170 -0.70 -11.18 16.84
C GLU B 170 0.01 -9.84 16.67
N GLU B 171 0.84 -9.66 15.65
CA GLU B 171 1.64 -8.46 15.60
C GLU B 171 0.87 -7.32 14.91
N TYR B 172 0.28 -6.47 15.71
CA TYR B 172 -0.65 -5.48 15.23
C TYR B 172 0.07 -4.29 14.63
N TRP B 173 1.21 -3.93 15.22
CA TRP B 173 1.97 -2.79 14.77
C TRP B 173 2.55 -3.17 13.40
N LEU B 174 2.44 -4.44 13.03
CA LEU B 174 2.83 -4.87 11.66
C LEU B 174 1.61 -4.93 10.70
N ASN B 175 0.54 -4.33 11.19
CA ASN B 175 -0.78 -4.30 10.57
C ASN B 175 -1.21 -5.72 10.34
N PHE B 176 -0.60 -6.67 11.03
CA PHE B 176 -1.00 -8.07 10.89
C PHE B 176 -0.57 -8.62 9.53
N ASP B 177 -0.16 -7.72 8.64
CA ASP B 177 0.18 -8.11 7.28
C ASP B 177 1.64 -8.04 6.94
N GLY B 178 2.46 -7.67 7.93
CA GLY B 178 3.87 -7.53 7.67
C GLY B 178 4.22 -6.18 7.07
N THR B 179 3.38 -5.20 7.38
CA THR B 179 3.59 -3.87 6.85
C THR B 179 3.55 -2.89 8.00
N LEU B 180 4.27 -1.77 7.87
CA LEU B 180 4.36 -0.86 9.01
C LEU B 180 3.02 -0.18 9.37
N LEU B 181 2.56 -0.36 10.60
CA LEU B 181 1.43 0.43 11.12
C LEU B 181 1.84 1.85 11.03
N GLY B 182 0.93 2.75 10.72
CA GLY B 182 1.41 4.11 10.67
C GLY B 182 1.79 4.52 9.28
N ASN B 183 1.92 3.54 8.40
CA ASN B 183 1.59 3.75 7.00
C ASN B 183 0.16 3.23 6.83
N ILE B 184 -0.49 2.84 7.92
CA ILE B 184 -1.82 2.31 7.78
C ILE B 184 -2.83 3.29 7.19
N THR B 185 -2.45 4.55 7.05
CA THR B 185 -3.28 5.64 6.45
C THR B 185 -3.77 5.59 4.99
N ILE B 186 -2.97 5.11 4.05
CA ILE B 186 -3.45 5.05 2.66
C ILE B 186 -4.75 4.20 2.56
N PHE B 187 -5.14 3.63 3.66
CA PHE B 187 -6.47 3.09 3.71
C PHE B 187 -7.50 4.08 4.23
N PRO B 188 -8.76 3.98 3.75
CA PRO B 188 -9.80 4.86 4.29
C PRO B 188 -9.76 4.77 5.81
N HIS B 189 -9.67 5.89 6.50
CA HIS B 189 -9.62 5.82 7.96
C HIS B 189 -10.03 7.10 8.59
N GLN B 190 -10.34 6.99 9.87
CA GLN B 190 -10.47 8.14 10.78
C GLN B 190 -9.69 7.82 12.06
N PHE B 191 -9.47 8.82 12.91
CA PHE B 191 -9.00 8.63 14.28
C PHE B 191 -10.05 8.96 15.30
N ILE B 192 -10.31 8.09 16.25
CA ILE B 192 -11.08 8.56 17.38
C ILE B 192 -10.13 9.00 18.46
N ASN B 193 -10.13 10.29 18.77
CA ASN B 193 -9.23 10.89 19.78
C ASN B 193 -10.11 11.57 20.84
N LEU B 194 -10.11 11.01 22.03
CA LEU B 194 -11.13 11.34 23.00
C LEU B 194 -11.29 12.85 23.27
N ARG B 195 -10.18 13.59 23.33
CA ARG B 195 -10.28 15.04 23.57
C ARG B 195 -11.08 15.75 22.47
N SER B 196 -11.06 15.19 21.26
CA SER B 196 -11.67 15.80 20.09
C SER B 196 -13.00 15.18 19.67
N ASN B 197 -13.01 13.92 19.26
CA ASN B 197 -14.25 13.25 18.94
C ASN B 197 -14.65 12.03 19.76
N ASN B 198 -15.69 11.43 19.27
CA ASN B 198 -16.52 10.52 19.98
C ASN B 198 -16.84 9.36 19.02
N SER B 199 -17.20 9.72 17.78
CA SER B 199 -17.51 8.75 16.72
C SER B 199 -16.53 8.76 15.58
N ALA B 200 -16.47 7.64 14.87
CA ALA B 200 -15.82 7.66 13.56
C ALA B 200 -16.80 7.17 12.55
N THR B 201 -16.77 7.73 11.35
CA THR B 201 -17.73 7.30 10.35
C THR B 201 -17.16 7.13 8.96
N ILE B 202 -17.38 5.97 8.36
CA ILE B 202 -16.79 5.68 7.06
C ILE B 202 -17.82 5.09 6.15
N ILE B 203 -17.94 5.62 4.94
CA ILE B 203 -18.83 5.00 3.97
C ILE B 203 -17.99 4.37 2.91
N ALA B 204 -18.27 3.11 2.60
CA ALA B 204 -17.56 2.47 1.52
C ALA B 204 -18.45 1.86 0.46
N PRO B 205 -17.98 1.98 -0.75
CA PRO B 205 -18.46 1.37 -1.98
C PRO B 205 -17.96 -0.03 -2.09
N TYR B 206 -18.65 -0.87 -2.86
CA TYR B 206 -18.10 -2.17 -3.19
C TYR B 206 -16.77 -2.00 -3.84
N VAL B 207 -15.80 -2.76 -3.39
CA VAL B 207 -14.53 -2.71 -4.08
C VAL B 207 -13.92 -4.11 -4.16
N ASN B 208 -13.60 -4.52 -5.37
CA ASN B 208 -13.25 -5.88 -5.70
C ASN B 208 -13.00 -5.87 -7.18
N ALA B 209 -12.23 -6.81 -7.69
CA ALA B 209 -11.81 -6.86 -9.11
C ALA B 209 -12.80 -7.67 -9.92
N VAL B 210 -13.94 -7.89 -9.29
CA VAL B 210 -15.04 -8.62 -9.88
C VAL B 210 -16.38 -8.01 -9.42
N PRO B 211 -17.38 -8.00 -10.30
CA PRO B 211 -18.70 -7.38 -10.10
C PRO B 211 -19.52 -7.87 -8.87
N MET B 212 -19.57 -9.18 -8.64
CA MET B 212 -20.03 -9.76 -7.36
C MET B 212 -19.13 -10.94 -6.91
N ASP B 213 -18.96 -11.19 -5.63
CA ASP B 213 -18.13 -12.31 -5.23
C ASP B 213 -18.93 -13.16 -4.23
N SER B 214 -18.27 -14.21 -3.69
CA SER B 214 -18.89 -15.09 -2.65
C SER B 214 -18.89 -14.45 -1.25
N MET B 215 -20.07 -14.24 -0.68
CA MET B 215 -20.14 -13.70 0.64
C MET B 215 -19.46 -14.64 1.65
N ARG B 216 -19.54 -15.94 1.39
CA ARG B 216 -18.93 -16.97 2.26
C ARG B 216 -17.38 -17.08 2.28
N SER B 217 -16.75 -17.24 1.12
CA SER B 217 -15.34 -17.60 1.04
C SER B 217 -14.40 -16.41 0.88
N HIS B 218 -14.93 -15.20 0.85
CA HIS B 218 -14.08 -14.03 0.60
C HIS B 218 -14.55 -12.83 1.40
N ASN B 219 -13.68 -12.22 2.18
CA ASN B 219 -14.00 -10.96 2.85
C ASN B 219 -13.39 -9.71 2.17
N ASN B 220 -14.25 -8.87 1.61
CA ASN B 220 -13.79 -7.73 0.86
C ASN B 220 -13.04 -6.78 1.79
N TRP B 221 -13.56 -6.52 2.98
CA TRP B 221 -12.96 -5.51 3.86
C TRP B 221 -12.52 -6.05 5.22
N SER B 222 -11.55 -5.43 5.85
CA SER B 222 -11.34 -5.67 7.26
C SER B 222 -11.36 -4.34 8.00
N LEU B 223 -12.14 -4.28 9.08
CA LEU B 223 -12.12 -3.11 9.95
C LEU B 223 -11.10 -3.37 11.05
N VAL B 224 -10.11 -2.52 11.14
CA VAL B 224 -9.14 -2.73 12.20
C VAL B 224 -8.95 -1.48 13.02
N ILE B 225 -9.14 -1.58 14.35
CA ILE B 225 -8.91 -0.46 15.25
C ILE B 225 -7.90 -0.83 16.30
N ILE B 226 -6.78 -0.13 16.26
CA ILE B 226 -5.77 -0.37 17.25
C ILE B 226 -5.44 0.99 17.87
N PRO B 227 -5.33 1.03 19.21
CA PRO B 227 -5.07 2.32 19.89
C PRO B 227 -3.64 2.75 19.77
N ILE B 228 -3.39 3.89 19.16
CA ILE B 228 -2.01 4.29 18.99
C ILE B 228 -1.62 5.22 20.14
N CYS B 229 -2.65 5.69 20.86
CA CYS B 229 -2.49 6.40 22.13
C CYS B 229 -3.24 5.71 23.22
N PRO B 230 -2.53 5.23 24.24
CA PRO B 230 -3.00 4.35 25.30
C PRO B 230 -4.01 5.12 26.15
N LEU B 231 -5.06 4.43 26.60
CA LEU B 231 -6.12 5.12 27.32
C LEU B 231 -5.73 5.44 28.77
N GLU B 232 -5.56 6.71 29.08
CA GLU B 232 -5.14 7.12 30.42
C GLU B 232 -6.23 7.91 31.12
N THR B 233 -6.54 7.60 32.38
CA THR B 233 -7.39 8.50 33.17
C THR B 233 -7.17 8.46 34.69
N SER B 234 -7.57 9.52 35.35
CA SER B 234 -7.65 9.48 36.78
C SER B 234 -9.03 9.11 37.19
N SER B 235 -9.92 8.85 36.23
CA SER B 235 -11.30 8.54 36.61
C SER B 235 -11.50 7.19 37.22
N ALA B 236 -12.51 7.11 38.07
CA ALA B 236 -13.06 5.85 38.52
C ALA B 236 -13.29 4.82 37.35
N ILE B 237 -13.82 5.24 36.19
CA ILE B 237 -14.00 4.32 35.07
C ILE B 237 -12.76 4.41 34.23
N ASN B 238 -11.92 3.39 34.38
CA ASN B 238 -10.57 3.33 33.77
C ASN B 238 -10.59 2.38 32.57
N THR B 239 -11.81 1.96 32.28
CA THR B 239 -12.09 0.99 31.27
C THR B 239 -13.39 1.37 30.50
N ILE B 240 -13.28 1.58 29.19
CA ILE B 240 -14.45 1.94 28.40
C ILE B 240 -14.62 1.08 27.16
N PRO B 241 -15.90 0.86 26.78
CA PRO B 241 -16.31 0.10 25.60
C PRO B 241 -16.21 0.87 24.29
N ILE B 242 -15.86 0.13 23.24
CA ILE B 242 -15.92 0.57 21.86
C ILE B 242 -17.02 -0.28 21.30
N THR B 243 -17.94 0.34 20.54
CA THR B 243 -19.03 -0.38 19.84
C THR B 243 -19.04 -0.22 18.33
N ILE B 244 -19.17 -1.33 17.61
CA ILE B 244 -19.26 -1.20 16.16
C ILE B 244 -20.69 -1.39 15.67
N SER B 245 -21.19 -0.42 14.89
CA SER B 245 -22.42 -0.61 14.14
C SER B 245 -22.07 -0.44 12.67
N ILE B 246 -22.46 -1.39 11.84
CA ILE B 246 -22.30 -1.17 10.38
C ILE B 246 -23.58 -1.48 9.58
N SER B 247 -23.88 -0.60 8.64
CA SER B 247 -25.02 -0.81 7.76
C SER B 247 -24.65 -1.11 6.33
N PRO B 248 -25.16 -2.23 5.84
CA PRO B 248 -24.88 -2.51 4.44
C PRO B 248 -25.58 -1.45 3.60
N MET B 249 -25.14 -1.19 2.37
CA MET B 249 -25.84 -0.23 1.49
C MET B 249 -25.93 -0.76 0.04
N CYS B 250 -27.09 -0.60 -0.65
CA CYS B 250 -27.29 -1.12 -2.00
C CYS B 250 -26.91 -2.60 -2.12
N ALA B 251 -27.26 -3.36 -1.10
CA ALA B 251 -26.96 -4.79 -1.09
C ALA B 251 -27.80 -5.63 -2.02
N GLU B 252 -27.14 -6.47 -2.82
CA GLU B 252 -27.81 -7.32 -3.83
C GLU B 252 -27.21 -8.70 -3.82
N PHE B 253 -28.02 -9.70 -4.12
CA PHE B 253 -27.56 -11.09 -4.16
C PHE B 253 -28.01 -11.83 -5.39
N SER B 254 -27.25 -12.78 -5.86
CA SER B 254 -27.76 -13.57 -6.97
C SER B 254 -27.24 -15.01 -7.03
N GLY B 255 -27.87 -15.82 -7.86
CA GLY B 255 -27.63 -17.25 -7.87
C GLY B 255 -28.23 -17.90 -6.65
N ALA B 256 -29.50 -17.76 -6.44
CA ALA B 256 -30.08 -18.36 -5.26
C ALA B 256 -30.31 -19.83 -5.44
N ARG B 257 -30.19 -20.50 -4.30
CA ARG B 257 -30.18 -21.97 -4.12
C ARG B 257 -30.58 -22.24 -2.69
N ALA B 258 -30.21 -23.41 -2.14
CA ALA B 258 -30.55 -23.66 -0.71
C ALA B 258 -29.55 -22.97 0.20
N LYS B 259 -29.73 -23.07 1.53
CA LYS B 259 -28.84 -22.37 2.51
C LYS B 259 -27.53 -23.10 2.89
N ARG B 260 -26.38 -22.50 2.61
CA ARG B 260 -25.14 -23.15 2.99
C ARG B 260 -25.06 -23.07 4.49
N GLN B 261 -24.56 -24.12 5.12
CA GLN B 261 -24.36 -24.03 6.57
C GLN B 261 -22.99 -23.44 7.15
N GLY C 1 15.75 -6.76 -51.36
CA GLY C 1 16.16 -6.37 -49.99
C GLY C 1 16.76 -5.00 -49.64
N LEU C 2 16.15 -4.19 -48.79
CA LEU C 2 16.63 -2.83 -48.55
C LEU C 2 17.94 -2.74 -47.80
N PRO C 3 18.92 -2.05 -48.35
CA PRO C 3 20.20 -1.77 -47.75
C PRO C 3 20.03 -1.05 -46.48
N VAL C 4 20.64 -1.59 -45.45
CA VAL C 4 20.46 -1.14 -44.10
C VAL C 4 21.76 -1.41 -43.35
N PHE C 5 21.96 -0.69 -42.25
CA PHE C 5 23.27 -0.63 -41.59
C PHE C 5 23.18 -0.72 -40.05
N ILE C 6 23.81 -1.71 -39.45
CA ILE C 6 23.58 -1.95 -38.06
C ILE C 6 24.35 -1.08 -37.09
N THR C 7 23.66 -0.72 -35.99
CA THR C 7 24.14 0.32 -35.10
C THR C 7 24.53 -0.18 -33.74
N PRO C 8 25.55 0.45 -33.12
CA PRO C 8 25.95 0.17 -31.73
C PRO C 8 24.73 0.09 -30.83
N GLY C 9 24.67 -0.92 -29.98
CA GLY C 9 23.59 -1.21 -29.08
C GLY C 9 22.77 -2.40 -29.49
N SER C 10 22.85 -2.77 -30.76
CA SER C 10 21.93 -3.80 -31.29
C SER C 10 22.17 -5.07 -30.62
N GLY C 11 21.19 -5.92 -30.60
CA GLY C 11 21.30 -7.16 -29.85
C GLY C 11 21.17 -7.03 -28.34
N GLN C 12 21.16 -5.82 -27.80
CA GLN C 12 21.37 -5.68 -26.36
C GLN C 12 20.07 -5.72 -25.62
N PHE C 13 20.07 -6.36 -24.47
CA PHE C 13 18.94 -6.20 -23.55
C PHE C 13 19.18 -5.04 -22.62
N LEU C 14 18.37 -4.00 -22.77
CA LEU C 14 18.39 -2.91 -21.79
C LEU C 14 17.09 -2.90 -20.93
N THR C 15 17.18 -3.15 -19.63
CA THR C 15 16.01 -3.24 -18.77
C THR C 15 14.95 -2.14 -19.00
N THR C 16 15.43 -0.92 -19.23
CA THR C 16 14.59 0.23 -19.30
C THR C 16 14.14 0.61 -20.71
N ASP C 17 14.44 -0.25 -21.68
CA ASP C 17 13.93 0.01 -23.06
C ASP C 17 12.43 -0.08 -23.07
N ASP C 18 11.79 0.57 -24.04
CA ASP C 18 10.47 0.08 -24.54
C ASP C 18 10.42 -0.03 -26.06
N PHE C 19 10.27 -1.27 -26.50
CA PHE C 19 10.14 -1.55 -27.91
C PHE C 19 8.94 -2.42 -27.94
N GLN C 20 8.44 -2.65 -29.16
CA GLN C 20 7.37 -3.60 -29.39
C GLN C 20 7.95 -5.02 -29.41
N SER C 21 7.07 -6.01 -29.55
CA SER C 21 7.41 -7.43 -29.44
C SER C 21 6.18 -8.24 -29.83
N PRO C 22 6.34 -9.30 -30.61
CA PRO C 22 5.20 -10.07 -31.01
C PRO C 22 4.40 -10.54 -29.81
N CYS C 23 3.10 -10.59 -29.93
CA CYS C 23 2.33 -11.08 -28.82
C CYS C 23 2.26 -12.58 -28.95
N ALA C 24 2.45 -13.28 -27.86
CA ALA C 24 2.39 -14.73 -27.89
C ALA C 24 1.00 -15.31 -27.83
N LEU C 25 -0.02 -14.48 -27.62
CA LEU C 25 -1.39 -14.94 -27.49
C LEU C 25 -2.28 -14.19 -28.45
N PRO C 26 -2.05 -14.34 -29.76
CA PRO C 26 -2.71 -13.47 -30.72
C PRO C 26 -4.21 -13.68 -30.68
N TRP C 27 -4.97 -12.61 -30.88
CA TRP C 27 -6.41 -12.63 -31.00
C TRP C 27 -7.09 -12.67 -29.68
N TYR C 28 -6.31 -12.86 -28.63
CA TYR C 28 -6.87 -12.99 -27.30
C TYR C 28 -7.46 -11.66 -26.95
N HIS C 29 -8.68 -11.69 -26.42
CA HIS C 29 -9.39 -10.47 -26.02
C HIS C 29 -9.54 -10.41 -24.48
N PRO C 30 -8.84 -9.46 -23.84
CA PRO C 30 -8.77 -9.40 -22.39
C PRO C 30 -10.07 -9.03 -21.71
N THR C 31 -10.26 -9.38 -20.46
CA THR C 31 -11.50 -9.07 -19.71
C THR C 31 -11.86 -7.59 -19.60
N LYS C 32 -13.15 -7.28 -19.54
CA LYS C 32 -13.62 -5.89 -19.46
C LYS C 32 -12.91 -5.25 -18.31
N GLU C 33 -12.55 -3.99 -18.45
CA GLU C 33 -12.19 -3.23 -17.30
C GLU C 33 -13.53 -2.98 -16.58
N ILE C 34 -13.54 -2.82 -15.28
CA ILE C 34 -14.73 -2.34 -14.62
C ILE C 34 -14.36 -1.26 -13.66
N SER C 35 -15.33 -0.81 -12.90
CA SER C 35 -15.05 0.35 -12.12
C SER C 35 -14.60 -0.10 -10.79
N ILE C 36 -13.36 0.22 -10.44
CA ILE C 36 -12.98 0.07 -9.05
C ILE C 36 -12.52 1.37 -8.47
N PRO C 37 -12.99 1.63 -7.26
CA PRO C 37 -12.74 2.92 -6.67
C PRO C 37 -11.27 2.97 -6.36
N GLY C 38 -10.73 4.17 -6.35
CA GLY C 38 -9.40 4.32 -5.83
C GLY C 38 -8.28 4.04 -6.78
N GLU C 39 -8.47 4.32 -8.06
CA GLU C 39 -7.35 4.18 -9.00
C GLU C 39 -6.17 5.13 -8.65
N VAL C 40 -4.93 4.67 -8.81
CA VAL C 40 -3.78 5.54 -8.74
C VAL C 40 -3.13 5.70 -10.10
N LYS C 41 -3.05 6.92 -10.57
CA LYS C 41 -2.36 7.22 -11.81
C LYS C 41 -0.89 7.55 -11.63
N ASN C 42 -0.58 8.16 -10.51
CA ASN C 42 0.74 8.72 -10.34
C ASN C 42 1.22 8.60 -8.92
N LEU C 43 2.50 8.28 -8.76
CA LEU C 43 3.05 7.91 -7.45
C LEU C 43 2.89 9.01 -6.42
N VAL C 44 2.92 10.25 -6.89
CA VAL C 44 2.84 11.40 -6.03
C VAL C 44 1.51 11.43 -5.28
N GLU C 45 0.51 10.79 -5.84
CA GLU C 45 -0.77 10.67 -5.13
C GLU C 45 -0.55 10.07 -3.75
N ILE C 46 0.41 9.16 -3.64
CA ILE C 46 0.70 8.49 -2.38
C ILE C 46 1.53 9.38 -1.46
N CYS C 47 2.59 9.99 -2.01
CA CYS C 47 3.45 10.89 -1.25
C CYS C 47 2.61 12.05 -0.61
N GLN C 48 1.39 12.22 -1.08
CA GLN C 48 0.60 13.35 -0.64
C GLN C 48 -0.35 13.01 0.48
N VAL C 49 -0.26 11.78 0.96
CA VAL C 49 -1.07 11.33 2.07
C VAL C 49 -0.29 11.27 3.37
N ASP C 50 -0.90 11.79 4.44
CA ASP C 50 -0.30 11.78 5.73
C ASP C 50 0.05 10.36 6.20
N SER C 51 1.29 10.20 6.60
CA SER C 51 1.80 8.96 7.12
C SER C 51 2.34 9.34 8.51
N LEU C 52 2.39 8.37 9.44
CA LEU C 52 2.92 8.60 10.79
C LEU C 52 4.41 8.36 10.86
N VAL C 53 5.17 9.38 11.30
CA VAL C 53 6.63 9.23 11.49
C VAL C 53 6.94 8.53 12.80
N PRO C 54 7.86 7.53 12.75
CA PRO C 54 8.35 6.73 13.89
C PRO C 54 9.32 7.58 14.72
N ILE C 55 8.79 8.68 15.22
CA ILE C 55 9.59 9.71 15.84
C ILE C 55 10.38 9.19 17.00
N ASN C 56 9.86 8.23 17.78
CA ASN C 56 10.61 7.68 18.90
C ASN C 56 11.19 6.36 18.49
N ASN C 57 12.39 6.41 17.95
CA ASN C 57 13.11 5.23 17.53
C ASN C 57 14.11 4.62 18.54
N THR C 58 14.02 4.99 19.81
CA THR C 58 14.92 4.45 20.81
C THR C 58 14.81 2.92 20.80
N ASP C 59 15.92 2.24 21.13
CA ASP C 59 15.97 0.76 21.25
C ASP C 59 14.86 0.29 22.17
N THR C 60 14.43 1.16 23.06
CA THR C 60 13.48 0.76 24.08
C THR C 60 12.02 0.68 23.57
N TYR C 61 11.65 1.56 22.66
CA TYR C 61 10.30 1.53 22.12
C TYR C 61 10.18 0.82 20.78
N ILE C 62 11.26 0.31 20.25
CA ILE C 62 11.34 -0.03 18.83
C ILE C 62 10.18 -0.78 18.22
N ASN C 63 9.91 -2.02 18.59
CA ASN C 63 8.92 -2.72 17.77
C ASN C 63 7.49 -2.60 18.21
N SER C 64 7.22 -1.71 19.16
CA SER C 64 5.86 -1.40 19.62
C SER C 64 5.15 -0.37 18.77
N GLU C 65 3.95 0.04 19.22
CA GLU C 65 3.24 1.17 18.65
C GLU C 65 3.71 2.49 19.25
N ASN C 66 4.46 2.42 20.35
CA ASN C 66 4.90 3.61 21.06
C ASN C 66 6.01 4.31 20.35
N MET C 67 6.50 3.70 19.29
CA MET C 67 7.54 4.31 18.50
C MET C 67 6.94 5.50 17.78
N TYR C 68 5.63 5.53 17.74
CA TYR C 68 4.92 6.51 16.92
C TYR C 68 4.39 7.79 17.67
N SER C 69 4.58 7.84 18.99
CA SER C 69 4.20 8.96 19.80
C SER C 69 5.32 9.48 20.69
N VAL C 70 5.25 10.74 21.06
CA VAL C 70 6.20 11.36 21.98
C VAL C 70 5.47 11.85 23.22
N VAL C 71 6.14 11.88 24.36
CA VAL C 71 5.42 12.17 25.60
C VAL C 71 5.73 13.51 26.24
N LEU C 72 4.70 14.25 26.59
CA LEU C 72 4.90 15.57 27.15
C LEU C 72 4.65 15.57 28.62
N GLN C 73 5.44 16.33 29.36
CA GLN C 73 5.29 16.37 30.82
C GLN C 73 4.87 17.69 31.47
N SER C 74 3.95 17.59 32.41
CA SER C 74 3.54 18.75 33.18
C SER C 74 4.58 19.08 34.22
N SER C 75 5.53 18.16 34.41
CA SER C 75 6.57 18.27 35.42
C SER C 75 7.55 19.33 35.04
N ILE C 76 7.60 19.71 33.78
CA ILE C 76 8.61 20.63 33.31
C ILE C 76 8.11 22.02 33.04
N ASN C 77 8.67 22.97 33.76
CA ASN C 77 8.57 24.38 33.36
C ASN C 77 9.91 24.77 32.76
N ALA C 78 10.01 24.88 31.45
CA ALA C 78 11.31 25.13 30.86
C ALA C 78 11.29 25.16 29.33
N PRO C 79 12.23 25.90 28.74
CA PRO C 79 12.56 25.84 27.30
C PRO C 79 13.29 24.59 26.83
N ASP C 80 12.75 23.40 27.14
CA ASP C 80 13.40 22.10 26.84
C ASP C 80 13.12 21.57 25.41
N LYS C 81 14.10 20.95 24.76
CA LYS C 81 13.81 20.19 23.55
C LYS C 81 12.95 19.00 23.90
N ILE C 82 12.09 18.63 22.96
CA ILE C 82 11.23 17.48 23.09
C ILE C 82 11.74 16.39 22.18
N PHE C 83 11.82 16.72 20.90
CA PHE C 83 12.55 15.87 19.98
C PHE C 83 13.07 16.64 18.77
N SER C 84 13.81 15.93 17.92
CA SER C 84 14.34 16.50 16.68
C SER C 84 14.42 15.43 15.59
N ILE C 85 14.51 15.86 14.33
CA ILE C 85 14.47 14.97 13.20
C ILE C 85 15.33 15.48 12.06
N ARG C 86 16.06 14.60 11.38
CA ARG C 86 16.72 15.04 10.14
C ARG C 86 15.60 15.26 9.14
N THR C 87 15.67 16.35 8.39
CA THR C 87 14.60 16.68 7.46
C THR C 87 14.69 16.06 6.06
N ASP C 88 15.85 15.58 5.64
CA ASP C 88 15.96 14.88 4.37
C ASP C 88 14.94 13.77 4.37
N VAL C 89 14.37 13.40 3.25
CA VAL C 89 13.22 12.54 3.41
C VAL C 89 13.43 11.08 3.31
N ALA C 90 14.60 10.66 2.87
CA ALA C 90 14.83 9.22 2.78
C ALA C 90 15.57 8.85 4.01
N SER C 91 15.78 9.85 4.85
CA SER C 91 16.52 9.75 6.11
C SER C 91 15.79 9.07 7.23
N GLN C 92 16.55 8.62 8.22
CA GLN C 92 15.94 8.16 9.44
C GLN C 92 15.57 9.33 10.39
N PRO C 93 14.41 9.24 11.08
CA PRO C 93 13.35 8.22 11.10
C PRO C 93 12.40 8.15 9.91
N LEU C 94 12.29 9.23 9.11
CA LEU C 94 11.15 9.32 8.17
C LEU C 94 11.18 8.41 6.95
N ALA C 95 12.27 7.70 6.78
CA ALA C 95 12.33 6.78 5.66
C ALA C 95 11.19 5.72 5.65
N THR C 96 10.72 5.33 6.83
CA THR C 96 9.77 4.24 6.97
C THR C 96 8.39 4.58 6.47
N THR C 97 8.09 5.88 6.44
CA THR C 97 6.78 6.45 6.12
C THR C 97 6.47 6.42 4.65
N LEU C 98 5.21 6.60 4.33
CA LEU C 98 4.79 6.61 2.95
C LEU C 98 5.71 7.44 2.14
N ILE C 99 5.73 8.73 2.38
CA ILE C 99 6.53 9.56 1.53
C ILE C 99 8.01 9.14 1.47
N GLY C 100 8.55 8.63 2.57
CA GLY C 100 9.92 8.20 2.54
C GLY C 100 10.16 6.97 1.67
N GLU C 101 9.33 5.97 1.86
CA GLU C 101 9.57 4.70 1.22
C GLU C 101 9.54 4.89 -0.26
N ILE C 102 8.72 5.81 -0.69
CA ILE C 102 8.53 6.07 -2.10
C ILE C 102 9.68 6.90 -2.57
N SER C 103 10.08 7.88 -1.77
CA SER C 103 11.22 8.68 -2.18
C SER C 103 12.40 7.74 -2.29
N SER C 104 12.36 6.66 -1.54
CA SER C 104 13.48 5.76 -1.53
C SER C 104 13.56 4.95 -2.83
N TYR C 105 12.53 5.10 -3.67
CA TYR C 105 12.50 4.45 -4.97
C TYR C 105 13.00 5.37 -6.04
N PHE C 106 13.43 6.56 -5.65
CA PHE C 106 14.08 7.47 -6.57
C PHE C 106 15.36 8.06 -6.00
N THR C 107 16.22 8.60 -6.85
CA THR C 107 17.47 9.12 -6.37
C THR C 107 17.42 10.63 -6.13
N HIS C 108 16.36 11.30 -6.60
CA HIS C 108 16.21 12.79 -6.53
C HIS C 108 14.94 13.36 -5.87
N TRP C 109 15.12 14.51 -5.27
CA TRP C 109 14.38 14.98 -4.11
C TRP C 109 13.98 16.45 -4.45
N THR C 110 12.73 16.87 -4.29
CA THR C 110 12.38 18.32 -4.23
C THR C 110 10.92 18.63 -3.91
N GLY C 111 10.72 19.75 -3.24
CA GLY C 111 9.39 20.09 -2.80
C GLY C 111 9.36 20.60 -1.36
N SER C 112 8.16 20.82 -0.83
CA SER C 112 8.05 21.22 0.54
C SER C 112 7.37 20.13 1.29
N LEU C 113 7.66 20.01 2.58
CA LEU C 113 7.11 18.90 3.31
C LEU C 113 6.12 19.41 4.30
N ARG C 114 5.02 18.66 4.47
CA ARG C 114 3.97 19.05 5.41
C ARG C 114 3.97 18.16 6.64
N PHE C 115 4.37 18.75 7.77
CA PHE C 115 4.42 18.07 9.06
C PHE C 115 3.24 18.49 9.89
N SER C 116 2.37 17.55 10.17
CA SER C 116 1.20 17.89 10.93
C SER C 116 1.37 17.19 12.28
N PHE C 117 0.88 17.81 13.37
CA PHE C 117 0.97 17.25 14.74
C PHE C 117 -0.38 17.18 15.46
N MET C 118 -0.74 16.03 16.00
CA MET C 118 -1.98 15.87 16.71
C MET C 118 -1.74 15.67 18.20
N PHE C 119 -2.39 16.49 19.05
CA PHE C 119 -2.22 16.40 20.48
C PHE C 119 -3.25 15.47 21.06
N CYS C 120 -2.82 14.39 21.70
CA CYS C 120 -3.73 13.32 22.17
C CYS C 120 -4.09 13.38 23.64
N GLY C 121 -3.68 14.44 24.31
CA GLY C 121 -3.98 14.62 25.73
C GLY C 121 -5.44 14.83 26.13
N THR C 122 -5.71 15.01 27.41
CA THR C 122 -7.05 15.17 27.90
C THR C 122 -7.67 16.40 27.28
N ALA C 123 -8.98 16.38 27.14
CA ALA C 123 -9.66 17.52 26.57
C ALA C 123 -9.37 18.76 27.40
N ASN C 124 -9.12 18.59 28.70
CA ASN C 124 -8.90 19.73 29.61
C ASN C 124 -7.42 20.17 29.79
N THR C 125 -6.48 19.41 29.19
CA THR C 125 -5.05 19.66 29.22
C THR C 125 -4.70 20.72 28.20
N THR C 126 -3.69 21.54 28.44
CA THR C 126 -3.31 22.58 27.48
C THR C 126 -1.82 22.73 27.42
N VAL C 127 -1.28 23.12 26.26
CA VAL C 127 0.14 23.48 26.11
C VAL C 127 0.31 24.38 24.94
N LYS C 128 1.44 25.05 24.88
CA LYS C 128 1.85 25.76 23.67
C LYS C 128 3.27 25.27 23.34
N LEU C 129 3.47 24.77 22.11
CA LEU C 129 4.73 24.21 21.68
C LEU C 129 5.35 25.03 20.59
N LEU C 130 6.64 24.97 20.46
CA LEU C 130 7.26 25.61 19.35
C LEU C 130 7.74 24.54 18.37
N LEU C 131 7.38 24.65 17.10
CA LEU C 131 7.83 23.72 16.06
C LEU C 131 8.74 24.44 15.08
N ALA C 132 9.99 23.96 14.93
CA ALA C 132 11.00 24.72 14.19
C ALA C 132 11.83 23.94 13.17
N TYR C 133 11.87 24.46 11.96
CA TYR C 133 12.78 23.94 10.98
C TYR C 133 13.96 24.86 10.84
N THR C 134 15.16 24.36 11.15
CA THR C 134 16.39 25.14 11.03
C THR C 134 17.09 24.66 9.79
N PRO C 135 17.24 25.53 8.82
CA PRO C 135 17.85 25.33 7.52
C PRO C 135 19.31 25.00 7.68
N PRO C 136 19.91 24.28 6.69
CA PRO C 136 21.25 23.67 6.63
C PRO C 136 22.45 24.63 6.69
N GLY C 137 23.67 24.11 6.95
CA GLY C 137 24.87 24.93 7.00
C GLY C 137 25.17 25.38 8.43
N ILE C 138 24.45 24.75 9.36
CA ILE C 138 24.52 24.99 10.79
C ILE C 138 24.14 23.70 11.50
N ALA C 139 24.45 23.65 12.78
CA ALA C 139 24.17 22.49 13.58
C ALA C 139 22.79 22.50 14.16
N GLU C 140 22.26 21.32 14.47
CA GLU C 140 20.96 21.19 15.12
C GLU C 140 20.91 22.13 16.31
N PRO C 141 19.85 22.94 16.39
CA PRO C 141 19.80 23.97 17.41
C PRO C 141 19.78 23.39 18.84
N THR C 142 20.64 23.93 19.70
CA THR C 142 20.77 23.42 21.05
C THR C 142 19.89 24.07 22.10
N THR C 143 19.29 25.21 21.75
CA THR C 143 18.48 26.02 22.64
C THR C 143 17.25 26.56 21.94
N ARG C 144 16.23 26.95 22.71
CA ARG C 144 15.02 27.55 22.14
C ARG C 144 15.35 28.77 21.31
N LYS C 145 16.11 29.71 21.85
CA LYS C 145 16.50 30.87 21.05
C LYS C 145 17.09 30.42 19.71
N ASP C 146 18.12 29.59 19.74
CA ASP C 146 18.78 29.18 18.53
C ASP C 146 17.79 28.63 17.50
N ALA C 147 16.76 27.91 17.97
CA ALA C 147 15.86 27.21 17.04
C ALA C 147 14.90 28.18 16.37
N MET C 148 14.27 28.99 17.22
CA MET C 148 13.30 30.02 16.85
C MET C 148 13.79 31.04 15.84
N LEU C 149 15.10 31.16 15.68
CA LEU C 149 15.65 32.14 14.76
C LEU C 149 15.44 31.68 13.34
N GLY C 150 15.00 30.44 13.20
CA GLY C 150 14.69 29.91 11.90
C GLY C 150 13.21 29.96 11.54
N THR C 151 12.80 29.13 10.60
CA THR C 151 11.41 29.07 10.18
C THR C 151 10.62 28.33 11.22
N HIS C 152 9.58 28.93 11.76
CA HIS C 152 8.80 28.27 12.83
C HIS C 152 7.30 28.50 12.88
N VAL C 153 6.64 27.68 13.69
CA VAL C 153 5.24 27.80 13.99
C VAL C 153 5.02 27.62 15.50
N ILE C 154 4.42 28.59 16.14
CA ILE C 154 4.08 28.42 17.53
C ILE C 154 2.68 27.85 17.61
N TRP C 155 2.51 26.68 18.22
CA TRP C 155 1.26 25.93 18.14
C TRP C 155 0.46 26.00 19.42
N ASP C 156 -0.81 26.39 19.37
CA ASP C 156 -1.53 26.46 20.62
C ASP C 156 -2.59 25.40 20.67
N VAL C 157 -2.43 24.44 21.55
CA VAL C 157 -3.46 23.43 21.74
C VAL C 157 -4.74 23.96 22.35
N GLY C 158 -5.84 23.61 21.69
CA GLY C 158 -7.17 24.10 21.93
C GLY C 158 -8.09 23.20 21.15
N LEU C 159 -9.30 23.65 20.88
CA LEU C 159 -10.37 22.80 20.35
C LEU C 159 -9.97 21.90 19.20
N GLN C 160 -9.23 22.46 18.27
CA GLN C 160 -8.71 21.62 17.21
C GLN C 160 -7.38 20.97 17.63
N SER C 161 -7.41 19.65 17.65
CA SER C 161 -6.27 18.87 18.06
C SER C 161 -5.04 19.16 17.24
N THR C 162 -5.19 19.48 15.96
CA THR C 162 -4.08 19.39 15.02
C THR C 162 -3.55 20.69 14.45
N ILE C 163 -2.30 20.69 14.03
CA ILE C 163 -1.70 21.81 13.32
C ILE C 163 -0.77 21.25 12.29
N SER C 164 -0.68 21.93 11.15
CA SER C 164 0.27 21.53 10.10
C SER C 164 1.22 22.69 9.89
N MET C 165 2.51 22.42 9.81
CA MET C 165 3.52 23.44 9.52
C MET C 165 4.27 22.90 8.31
N VAL C 166 5.08 23.72 7.67
CA VAL C 166 5.70 23.19 6.48
C VAL C 166 7.16 23.57 6.41
N VAL C 167 8.00 22.64 5.99
CA VAL C 167 9.37 22.99 5.69
C VAL C 167 9.45 23.33 4.24
N PRO C 168 9.67 24.61 3.95
CA PRO C 168 9.73 25.11 2.58
C PRO C 168 10.84 24.42 1.89
N TRP C 169 10.78 24.29 0.58
CA TRP C 169 11.93 23.73 -0.08
C TRP C 169 12.86 24.89 -0.09
N ILE C 170 13.94 24.77 0.68
CA ILE C 170 14.97 25.79 0.61
C ILE C 170 16.33 25.11 0.50
N SER C 171 16.99 25.32 -0.62
CA SER C 171 18.10 24.51 -1.03
C SER C 171 18.97 25.19 -2.09
N ALA C 172 20.21 24.78 -2.19
CA ALA C 172 21.06 25.44 -3.14
C ALA C 172 20.57 25.16 -4.57
N SER C 173 20.30 23.91 -4.83
CA SER C 173 20.10 23.42 -6.15
C SER C 173 18.66 22.99 -6.26
N HIS C 174 18.14 22.90 -7.48
CA HIS C 174 16.72 22.62 -7.67
C HIS C 174 16.27 21.29 -7.08
N TYR C 175 17.14 20.28 -7.14
CA TYR C 175 16.85 18.96 -6.58
C TYR C 175 17.91 18.59 -5.53
N ARG C 176 17.65 17.55 -4.74
CA ARG C 176 18.57 17.02 -3.71
C ARG C 176 18.68 15.50 -3.82
N ASN C 177 19.64 14.90 -3.14
CA ASN C 177 19.78 13.47 -3.24
C ASN C 177 19.03 12.77 -2.15
N THR C 178 18.39 11.65 -2.49
CA THR C 178 17.54 10.99 -1.50
C THR C 178 18.42 10.24 -0.55
N SER C 179 19.65 9.97 -0.96
CA SER C 179 20.64 9.38 -0.05
C SER C 179 21.94 10.20 0.04
N PRO C 180 21.88 11.35 0.71
CA PRO C 180 22.90 12.42 0.74
C PRO C 180 24.14 12.03 1.58
N GLY C 181 23.85 11.45 2.76
CA GLY C 181 24.78 10.74 3.61
C GLY C 181 25.70 11.63 4.44
N ARG C 182 26.12 12.77 3.85
CA ARG C 182 27.10 13.69 4.47
C ARG C 182 26.45 15.06 4.62
N SER C 183 26.00 15.59 3.46
CA SER C 183 25.06 16.75 3.34
C SER C 183 23.70 16.60 4.10
N THR C 184 23.21 17.68 4.69
CA THR C 184 21.88 17.64 5.31
C THR C 184 20.90 18.65 4.69
N SER C 185 19.64 18.35 4.90
CA SER C 185 18.55 19.16 4.39
C SER C 185 18.02 20.06 5.51
N GLY C 186 18.59 19.95 6.70
CA GLY C 186 18.13 20.68 7.86
C GLY C 186 17.43 19.81 8.87
N TYR C 187 16.95 20.42 9.96
CA TYR C 187 16.36 19.71 11.09
C TYR C 187 15.06 20.34 11.49
N ILE C 188 14.27 19.55 12.18
CA ILE C 188 13.00 20.04 12.67
C ILE C 188 12.97 19.69 14.16
N THR C 189 12.75 20.71 14.98
CA THR C 189 12.97 20.54 16.41
C THR C 189 11.79 21.01 17.18
N CYS C 190 11.35 20.25 18.16
CA CYS C 190 10.13 20.60 18.91
C CYS C 190 10.47 21.02 20.37
N TRP C 191 9.96 22.17 20.82
CA TRP C 191 10.22 22.69 22.16
C TRP C 191 8.98 23.12 22.92
N TYR C 192 9.19 23.50 24.17
CA TYR C 192 8.10 23.95 25.04
C TYR C 192 8.02 25.45 24.92
N GLN C 193 6.94 25.97 24.38
CA GLN C 193 6.78 27.41 24.34
C GLN C 193 6.31 27.87 25.73
N THR C 194 5.43 27.11 26.37
CA THR C 194 5.06 27.39 27.75
C THR C 194 5.22 26.23 28.72
N ARG C 195 4.23 25.37 28.87
CA ARG C 195 4.33 24.24 29.80
C ARG C 195 3.08 23.44 29.67
N LEU C 196 3.07 22.19 30.08
CA LEU C 196 1.87 21.43 29.84
C LEU C 196 1.08 21.57 31.09
N VAL C 197 -0.07 22.25 31.05
CA VAL C 197 -0.84 22.53 32.24
C VAL C 197 -2.06 21.63 32.37
N ILE C 198 -2.40 21.29 33.60
CA ILE C 198 -3.33 20.23 33.90
C ILE C 198 -4.24 20.71 35.00
N PRO C 199 -5.46 20.18 35.07
CA PRO C 199 -6.27 20.42 36.24
C PRO C 199 -5.96 19.45 37.37
N PRO C 200 -6.76 19.50 38.42
CA PRO C 200 -6.71 18.47 39.44
C PRO C 200 -7.18 17.16 38.88
N GLN C 201 -6.51 16.09 39.27
CA GLN C 201 -6.97 14.75 38.97
C GLN C 201 -7.13 14.43 37.50
N THR C 202 -6.14 14.80 36.71
CA THR C 202 -6.07 14.41 35.34
C THR C 202 -4.63 13.99 35.03
N PRO C 203 -4.45 13.00 34.16
CA PRO C 203 -3.12 12.49 33.88
C PRO C 203 -2.16 13.61 33.57
N PRO C 204 -0.98 13.62 34.24
CA PRO C 204 0.18 14.53 34.27
C PRO C 204 1.03 14.49 32.99
N THR C 205 0.80 13.47 32.18
CA THR C 205 1.59 13.21 31.00
C THR C 205 0.62 13.08 29.81
N ALA C 206 0.98 13.64 28.66
CA ALA C 206 0.12 13.56 27.49
C ALA C 206 0.92 13.32 26.21
N ARG C 207 0.35 12.56 25.26
CA ARG C 207 1.10 12.24 24.04
C ARG C 207 0.85 13.10 22.81
N LEU C 208 1.70 12.90 21.83
CA LEU C 208 1.81 13.81 20.71
C LEU C 208 2.15 12.95 19.53
N LEU C 209 1.48 13.14 18.39
CA LEU C 209 1.65 12.28 17.23
C LEU C 209 2.22 13.04 16.08
N CYS C 210 2.94 12.40 15.17
CA CYS C 210 3.52 13.22 14.10
C CYS C 210 3.44 12.70 12.68
N PHE C 211 2.96 13.54 11.76
CA PHE C 211 2.63 13.11 10.38
C PHE C 211 3.41 13.86 9.32
N VAL C 212 3.66 13.17 8.20
CA VAL C 212 4.21 13.82 7.02
C VAL C 212 3.52 13.48 5.73
N SER C 213 3.45 14.49 4.89
CA SER C 213 3.04 14.34 3.53
C SER C 213 3.83 15.35 2.70
N GLY C 214 3.74 15.22 1.37
CA GLY C 214 4.20 16.29 0.47
C GLY C 214 3.21 17.38 0.04
N CYS C 215 3.73 18.55 -0.29
CA CYS C 215 2.90 19.63 -0.72
C CYS C 215 2.71 19.55 -2.21
N LYS C 216 1.91 20.45 -2.77
CA LYS C 216 1.75 20.53 -4.23
C LYS C 216 3.13 20.63 -4.89
N ASP C 217 4.08 21.10 -4.09
CA ASP C 217 5.43 21.42 -4.44
C ASP C 217 6.23 20.20 -4.92
N PHE C 218 5.89 19.07 -4.34
CA PHE C 218 6.80 17.93 -4.25
C PHE C 218 6.93 17.13 -5.55
N CYS C 219 8.13 16.66 -5.81
CA CYS C 219 8.48 15.87 -7.01
C CYS C 219 9.73 14.94 -6.73
N LEU C 220 9.80 13.78 -7.38
CA LEU C 220 10.90 12.85 -7.28
C LEU C 220 11.33 12.54 -8.69
N ARG C 221 12.60 12.23 -8.91
CA ARG C 221 13.10 11.78 -10.23
C ARG C 221 14.27 10.78 -10.19
N MET C 222 14.58 10.18 -11.35
CA MET C 222 15.58 9.13 -11.44
C MET C 222 15.34 7.90 -10.58
N ALA C 223 14.42 7.08 -11.02
CA ALA C 223 14.09 5.82 -10.39
C ALA C 223 15.20 4.84 -10.20
N ARG C 224 15.36 4.41 -8.94
CA ARG C 224 16.34 3.44 -8.50
C ARG C 224 15.72 2.41 -7.58
N ASP C 225 16.36 1.27 -7.35
CA ASP C 225 15.80 0.24 -6.46
C ASP C 225 15.84 0.69 -5.01
N THR C 226 14.98 0.14 -4.19
CA THR C 226 14.84 0.67 -2.85
C THR C 226 15.88 0.08 -1.92
N ASN C 227 16.30 0.92 -0.99
CA ASN C 227 17.28 0.55 0.01
C ASN C 227 16.66 0.04 1.30
N LEU C 228 15.35 0.18 1.43
CA LEU C 228 14.62 -0.16 2.67
C LEU C 228 14.05 -1.56 2.68
N HIS C 229 14.39 -2.35 1.67
CA HIS C 229 13.95 -3.73 1.65
C HIS C 229 14.98 -4.65 0.97
N LEU C 230 15.11 -5.90 1.43
CA LEU C 230 16.06 -6.85 0.85
C LEU C 230 15.61 -8.29 0.83
N GLN C 231 16.35 -9.11 0.08
CA GLN C 231 16.05 -10.53 0.03
C GLN C 231 17.29 -11.27 0.33
N SER C 232 17.28 -11.91 1.50
CA SER C 232 18.43 -12.60 2.10
C SER C 232 18.51 -14.01 1.55
N GLY C 233 17.47 -14.80 1.85
CA GLY C 233 17.34 -16.16 1.36
C GLY C 233 16.63 -16.28 0.02
N ALA C 234 15.89 -17.36 -0.10
CA ALA C 234 15.12 -17.57 -1.29
C ALA C 234 13.70 -17.62 -0.79
N ILE C 235 12.75 -17.42 -1.70
CA ILE C 235 11.35 -17.33 -1.34
C ILE C 235 10.64 -18.59 -1.68
N ALA C 236 9.84 -19.06 -0.75
CA ALA C 236 9.25 -20.40 -0.88
C ALA C 236 8.18 -20.46 -1.96
N GLN C 237 8.12 -21.54 -2.72
CA GLN C 237 7.10 -21.67 -3.76
C GLN C 237 5.66 -21.89 -3.24
N LEU D 25 13.60 18.28 -32.17
CA LEU D 25 12.18 18.62 -32.44
C LEU D 25 11.13 17.72 -31.72
N ASN D 26 10.39 16.93 -32.52
CA ASN D 26 9.36 15.93 -32.10
C ASN D 26 9.82 14.49 -32.49
N TYR D 27 8.97 13.45 -32.36
CA TYR D 27 9.37 12.07 -32.79
C TYR D 27 8.31 11.17 -33.49
N PHE D 28 8.77 10.17 -34.25
CA PHE D 28 7.85 9.32 -35.05
C PHE D 28 7.46 7.98 -34.42
N ASN D 29 6.16 7.68 -34.42
CA ASN D 29 5.72 6.41 -33.86
C ASN D 29 4.62 5.65 -34.61
N ILE D 30 4.92 4.44 -35.08
CA ILE D 30 3.89 3.58 -35.61
C ILE D 30 3.85 2.28 -34.85
N ASN D 31 2.66 1.68 -34.75
CA ASN D 31 2.52 0.35 -34.20
C ASN D 31 2.67 -0.67 -35.30
N TYR D 32 3.54 -1.67 -35.13
CA TYR D 32 3.79 -2.62 -36.22
C TYR D 32 2.99 -3.92 -36.06
N PHE D 33 2.22 -4.03 -34.99
CA PHE D 33 1.58 -5.29 -34.68
C PHE D 33 0.07 -5.29 -34.51
N LYS D 34 -0.49 -6.48 -34.76
CA LYS D 34 -1.93 -6.71 -34.83
C LYS D 34 -2.62 -6.73 -33.48
N ASP D 35 -1.85 -6.83 -32.40
CA ASP D 35 -2.48 -6.96 -31.08
C ASP D 35 -2.17 -5.85 -30.13
N ALA D 36 -3.13 -5.51 -29.31
CA ALA D 36 -3.00 -4.40 -28.38
C ALA D 36 -1.69 -4.45 -27.61
N ALA D 37 -1.41 -5.62 -27.05
CA ALA D 37 -0.36 -5.79 -26.07
C ALA D 37 1.00 -5.64 -26.67
N SER D 38 1.15 -5.90 -27.94
CA SER D 38 2.46 -5.76 -28.58
C SER D 38 2.93 -4.30 -28.47
N ASN D 39 1.98 -3.37 -28.44
CA ASN D 39 2.28 -1.95 -28.55
C ASN D 39 3.23 -1.56 -27.39
N GLY D 40 4.04 -0.52 -27.58
CA GLY D 40 4.99 -0.06 -26.58
C GLY D 40 4.35 0.67 -25.41
N ALA D 41 5.12 1.47 -24.69
CA ALA D 41 4.59 2.04 -23.44
C ALA D 41 3.56 3.07 -23.74
N SER D 42 2.58 3.18 -22.85
CA SER D 42 1.45 4.09 -23.10
C SER D 42 1.81 5.51 -22.92
N LYS D 43 0.97 6.38 -23.43
CA LYS D 43 1.19 7.81 -23.25
C LYS D 43 0.70 8.31 -21.93
N LEU D 44 1.24 9.42 -21.46
CA LEU D 44 0.82 9.87 -20.16
C LEU D 44 -0.38 10.77 -20.31
N GLU D 45 -1.36 10.60 -19.40
CA GLU D 45 -2.55 11.53 -19.24
C GLU D 45 -2.76 12.11 -17.79
N PHE D 46 -3.26 13.36 -17.67
CA PHE D 46 -3.07 14.23 -16.44
C PHE D 46 -3.51 13.49 -15.09
N THR D 47 -2.88 13.87 -13.96
CA THR D 47 -3.23 13.26 -12.65
C THR D 47 -4.76 13.33 -12.35
N GLN D 48 -5.37 14.52 -12.58
CA GLN D 48 -6.85 14.76 -12.55
C GLN D 48 -7.51 14.00 -11.38
N ASP D 49 -7.27 14.48 -10.14
CA ASP D 49 -7.09 13.59 -8.96
C ASP D 49 -8.11 12.35 -8.93
N PRO D 50 -9.47 12.55 -8.70
CA PRO D 50 -10.03 13.65 -7.89
C PRO D 50 -9.38 13.49 -6.49
N SER D 51 -9.65 14.34 -5.50
CA SER D 51 -8.76 14.32 -4.33
C SER D 51 -8.97 13.04 -3.45
N LYS D 52 -9.66 12.03 -4.01
CA LYS D 52 -10.23 10.84 -3.32
C LYS D 52 -9.34 10.12 -2.27
N PHE D 53 -8.03 10.32 -2.36
CA PHE D 53 -7.11 9.90 -1.31
C PHE D 53 -6.96 10.93 -0.16
N THR D 54 -6.50 12.13 -0.55
CA THR D 54 -6.25 13.30 0.34
C THR D 54 -7.50 14.07 0.97
N ASP D 55 -8.54 14.41 0.16
CA ASP D 55 -9.86 15.00 0.60
C ASP D 55 -11.17 14.40 -0.10
N PRO D 56 -11.68 13.16 0.31
CA PRO D 56 -13.02 12.64 -0.10
C PRO D 56 -14.19 13.24 0.70
N VAL D 57 -14.60 14.45 0.30
CA VAL D 57 -15.27 15.40 1.20
C VAL D 57 -16.79 15.35 1.05
N LYS D 58 -17.48 14.88 2.12
CA LYS D 58 -18.93 14.62 2.16
C LYS D 58 -19.81 15.87 2.29
N ASP D 59 -19.31 16.83 3.06
CA ASP D 59 -19.72 18.21 2.96
C ASP D 59 -18.36 18.93 2.71
N VAL D 60 -18.28 19.62 1.57
CA VAL D 60 -17.09 20.37 1.15
C VAL D 60 -17.17 21.86 1.62
#